data_6TXR
#
_entry.id   6TXR
#
_cell.length_a   80.720
_cell.length_b   80.720
_cell.length_c   504.770
_cell.angle_alpha   90.000
_cell.angle_beta   90.000
_cell.angle_gamma   90.000
#
_symmetry.space_group_name_H-M   'P 41 21 2'
#
loop_
_entity.id
_entity.type
_entity.pdbx_description
1 polymer 'L-lactate dehydrogenase'
2 polymer 'Cubane-modified aptamer'
3 non-polymer ~{N}-[2-(1,2,3-triazol-1-yl)ethyl]cubane-1-carboxamide
4 water water
#
loop_
_entity_poly.entity_id
_entity_poly.type
_entity_poly.pdbx_seq_one_letter_code
_entity_poly.pdbx_strand_id
1 'polypeptide(L)'
;MTPKPKIVLVGSGMIGGVMATLIVQKNLGDVVMFDVVKNMPQGKALDTSHSNVMAYSNCKVTGSNSYDDLKGADVVIVTA
GFTKAPGKSDKEWNRDDLLPLNNKIMIEIGGHIKNLCPNAFIIVVTNPVDVMVQLLFEHSGVPKNKIIGLGGVLDTSRLK
YYISQKLNVCPRDVNALIVGAHGNKMVLLKRYITVGGIPLQEFINNKKITDEEVEGIFDRTVNTALEIVNLLASPYVAPA
AAIIEMAESYLKDIKKVLVCSTLLEGQYGHSNIFGGTPLVIGGTGVEQVIELQLNAEEKTKFDEAVAETKRMKALI
;
A,B,C,D
2 'polydeoxyribonucleotide'
;(DG)(DG)(DU)(DA)(DU)(DA)(DG)(DA)(DC)(DC)(DC)(DC)(DU)(DG)(DA)(DG)(DU)(DC)(DC)(DU)
(DA)(DC)(DC)(DG)(DA)(DG)(DG)(DG)(DC)(DA)(DC)(DG)(DG)(DA)
;
E,F
#
loop_
_chem_comp.id
_chem_comp.type
_chem_comp.name
_chem_comp.formula
DA DNA linking 2'-DEOXYADENOSINE-5'-MONOPHOSPHATE 'C10 H14 N5 O6 P'
DC DNA linking 2'-DEOXYCYTIDINE-5'-MONOPHOSPHATE 'C9 H14 N3 O7 P'
DG DNA linking 2'-DEOXYGUANOSINE-5'-MONOPHOSPHATE 'C10 H14 N5 O7 P'
DU DNA linking 2'-DEOXYURIDINE-5'-MONOPHOSPHATE 'C9 H13 N2 O8 P'
O0Q non-polymer ~{N}-[2-(1,2,3-triazol-1-yl)ethyl]cubane-1-carboxamide 'C13 H14 N4 O'
#
# COMPACT_ATOMS: atom_id res chain seq x y z
N PRO A 3 -21.42 -2.31 -8.41
CA PRO A 3 -20.22 -1.73 -9.08
C PRO A 3 -18.99 -1.76 -8.16
N LYS A 4 -19.08 -1.04 -7.05
CA LYS A 4 -18.14 -1.03 -5.93
C LYS A 4 -18.79 -1.73 -4.75
N PRO A 5 -18.13 -2.62 -4.02
CA PRO A 5 -18.84 -3.39 -2.98
C PRO A 5 -19.39 -2.48 -1.88
N LYS A 6 -20.51 -2.90 -1.29
CA LYS A 6 -21.19 -2.14 -0.24
C LYS A 6 -21.00 -2.83 1.11
N ILE A 7 -20.31 -2.17 2.02
CA ILE A 7 -19.98 -2.71 3.34
C ILE A 7 -20.81 -1.94 4.36
N VAL A 8 -21.68 -2.65 5.08
CA VAL A 8 -22.54 -2.04 6.09
C VAL A 8 -22.05 -2.47 7.46
N LEU A 9 -21.67 -1.49 8.28
CA LEU A 9 -21.27 -1.72 9.66
C LEU A 9 -22.52 -1.53 10.51
N VAL A 10 -23.13 -2.64 10.95
CA VAL A 10 -24.26 -2.60 11.89
C VAL A 10 -23.72 -2.39 13.30
N GLY A 11 -23.62 -1.13 13.71
CA GLY A 11 -22.92 -0.79 14.93
C GLY A 11 -21.79 0.16 14.62
N SER A 12 -21.82 1.34 15.22
CA SER A 12 -20.89 2.41 14.85
C SER A 12 -20.13 2.93 16.05
N GLY A 13 -19.79 2.02 16.97
CA GLY A 13 -18.97 2.36 18.12
C GLY A 13 -17.53 2.55 17.72
N MET A 14 -16.62 2.40 18.69
CA MET A 14 -15.23 2.63 18.40
C MET A 14 -14.67 1.61 17.41
N ILE A 15 -15.16 0.37 17.45
CA ILE A 15 -14.71 -0.62 16.50
C ILE A 15 -15.21 -0.25 15.10
N GLY A 16 -16.51 0.09 15.00
CA GLY A 16 -17.06 0.48 13.70
C GLY A 16 -16.37 1.71 13.13
N GLY A 17 -16.06 2.67 14.00
CA GLY A 17 -15.30 3.84 13.58
C GLY A 17 -13.97 3.47 12.96
N VAL A 18 -13.18 2.62 13.63
CA VAL A 18 -11.89 2.28 13.04
C VAL A 18 -12.09 1.43 11.79
N MET A 19 -13.14 0.59 11.78
CA MET A 19 -13.45 -0.18 10.58
C MET A 19 -13.65 0.73 9.36
N ALA A 20 -14.48 1.77 9.51
CA ALA A 20 -14.73 2.67 8.39
C ALA A 20 -13.46 3.38 7.94
N THR A 21 -12.68 3.87 8.90
CA THR A 21 -11.41 4.52 8.62
C THR A 21 -10.51 3.60 7.82
N LEU A 22 -10.41 2.33 8.24
CA LEU A 22 -9.52 1.41 7.54
C LEU A 22 -10.06 1.03 6.18
N ILE A 23 -11.39 0.97 6.04
CA ILE A 23 -11.97 0.69 4.73
C ILE A 23 -11.61 1.79 3.74
N VAL A 24 -11.68 3.06 4.19
CA VAL A 24 -11.28 4.19 3.35
C VAL A 24 -9.80 4.11 3.01
N GLN A 25 -8.95 3.81 4.00
CA GLN A 25 -7.51 3.70 3.75
C GLN A 25 -7.21 2.64 2.69
N LYS A 26 -7.96 1.54 2.69
CA LYS A 26 -7.69 0.43 1.79
C LYS A 26 -8.55 0.49 0.54
N ASN A 27 -9.41 1.50 0.42
CA ASN A 27 -10.28 1.70 -0.75
C ASN A 27 -11.11 0.46 -1.04
N LEU A 28 -11.69 -0.13 0.01
CA LEU A 28 -12.32 -1.44 -0.13
C LEU A 28 -13.75 -1.39 -0.65
N GLY A 29 -14.49 -0.32 -0.36
CA GLY A 29 -15.85 -0.23 -0.84
C GLY A 29 -16.60 0.89 -0.15
N ASP A 30 -17.83 1.10 -0.60
CA ASP A 30 -18.67 2.08 0.06
C ASP A 30 -19.10 1.55 1.41
N VAL A 31 -19.24 2.46 2.39
CA VAL A 31 -19.52 2.11 3.79
C VAL A 31 -20.81 2.78 4.24
N VAL A 32 -21.71 2.00 4.84
CA VAL A 32 -22.83 2.53 5.61
C VAL A 32 -22.50 2.27 7.07
N MET A 33 -22.45 3.33 7.87
CA MET A 33 -22.24 3.27 9.30
C MET A 33 -23.62 3.31 9.95
N PHE A 34 -24.14 2.14 10.34
CA PHE A 34 -25.43 2.08 11.00
C PHE A 34 -25.27 2.09 12.51
N ASP A 35 -26.27 2.67 13.18
CA ASP A 35 -26.39 2.57 14.63
C ASP A 35 -27.81 2.93 15.02
N VAL A 36 -28.20 2.53 16.23
CA VAL A 36 -29.51 2.93 16.76
C VAL A 36 -29.47 4.29 17.45
N VAL A 37 -28.29 4.74 17.89
CA VAL A 37 -28.10 6.11 18.39
C VAL A 37 -28.17 7.14 17.25
N LYS A 38 -28.68 8.35 17.57
CA LYS A 38 -29.35 9.21 16.58
C LYS A 38 -28.38 9.97 15.69
N ASN A 39 -27.29 10.46 16.22
CA ASN A 39 -26.44 11.23 15.32
C ASN A 39 -25.05 10.64 15.15
N MET A 40 -24.61 9.80 16.09
CA MET A 40 -23.26 9.24 16.07
C MET A 40 -22.82 8.70 14.72
N PRO A 41 -23.59 7.86 14.03
CA PRO A 41 -23.07 7.36 12.73
C PRO A 41 -22.97 8.46 11.70
N GLN A 42 -23.93 9.41 11.65
CA GLN A 42 -23.85 10.48 10.66
C GLN A 42 -22.66 11.38 10.91
N GLY A 43 -22.36 11.66 12.18
CA GLY A 43 -21.17 12.41 12.49
C GLY A 43 -19.90 11.69 12.09
N LYS A 44 -19.80 10.41 12.44
CA LYS A 44 -18.60 9.64 12.11
C LYS A 44 -18.42 9.54 10.60
N ALA A 45 -19.52 9.35 9.86
CA ALA A 45 -19.40 9.16 8.42
C ALA A 45 -18.90 10.43 7.73
N LEU A 46 -19.39 11.59 8.17
CA LEU A 46 -18.96 12.85 7.57
C LEU A 46 -17.47 13.07 7.79
N ASP A 47 -17.04 13.01 9.06
CA ASP A 47 -15.63 13.06 9.42
C ASP A 47 -14.82 12.09 8.56
N THR A 48 -15.27 10.83 8.48
CA THR A 48 -14.47 9.82 7.81
C THR A 48 -14.44 10.01 6.30
N SER A 49 -15.55 10.44 5.71
CA SER A 49 -15.58 10.64 4.25
C SER A 49 -14.46 11.56 3.78
N HIS A 50 -14.18 12.62 4.54
CA HIS A 50 -13.18 13.60 4.10
C HIS A 50 -11.81 12.96 3.91
N SER A 51 -11.48 11.90 4.68
CA SER A 51 -10.18 11.25 4.61
C SER A 51 -9.94 10.50 3.31
N ASN A 52 -10.95 10.36 2.44
CA ASN A 52 -10.73 9.87 1.09
C ASN A 52 -9.66 10.67 0.38
N VAL A 53 -9.61 11.98 0.67
CA VAL A 53 -8.63 12.86 0.03
C VAL A 53 -7.20 12.44 0.39
N MET A 54 -6.91 12.35 1.70
CA MET A 54 -5.58 11.96 2.16
C MET A 54 -5.22 10.53 1.74
N ALA A 55 -6.22 9.66 1.59
CA ALA A 55 -5.99 8.25 1.32
C ALA A 55 -6.00 7.90 -0.17
N TYR A 56 -6.24 8.88 -1.04
CA TYR A 56 -6.37 8.66 -2.48
C TYR A 56 -7.48 7.65 -2.83
N SER A 57 -8.59 7.64 -2.11
CA SER A 57 -9.66 6.67 -2.34
C SER A 57 -10.92 7.35 -2.83
N ASN A 58 -11.89 6.52 -3.21
CA ASN A 58 -13.23 6.98 -3.57
C ASN A 58 -14.27 6.03 -2.97
N CYS A 59 -14.30 5.95 -1.65
CA CYS A 59 -15.32 5.19 -0.93
C CYS A 59 -16.31 6.16 -0.32
N LYS A 60 -17.59 6.00 -0.66
CA LYS A 60 -18.63 6.82 -0.05
C LYS A 60 -18.84 6.29 1.37
N VAL A 61 -19.02 7.20 2.33
CA VAL A 61 -19.22 6.82 3.73
C VAL A 61 -20.41 7.61 4.27
N THR A 62 -21.55 6.95 4.42
CA THR A 62 -22.72 7.64 4.95
C THR A 62 -23.18 6.95 6.22
N GLY A 63 -23.87 7.73 7.05
CA GLY A 63 -24.42 7.26 8.30
C GLY A 63 -25.89 7.01 8.19
N SER A 64 -26.43 6.19 9.09
CA SER A 64 -27.83 5.79 9.03
C SER A 64 -28.32 5.32 10.39
N ASN A 65 -29.63 5.53 10.63
CA ASN A 65 -30.34 4.95 11.76
C ASN A 65 -31.52 4.12 11.28
N SER A 66 -31.41 3.58 10.06
CA SER A 66 -32.49 2.81 9.45
C SER A 66 -31.93 1.47 9.01
N TYR A 67 -32.55 0.38 9.47
CA TYR A 67 -32.14 -0.92 8.96
C TYR A 67 -32.37 -1.05 7.46
N ASP A 68 -33.18 -0.17 6.85
CA ASP A 68 -33.42 -0.27 5.42
C ASP A 68 -32.16 -0.04 4.60
N ASP A 69 -31.11 0.51 5.20
CA ASP A 69 -29.87 0.73 4.49
C ASP A 69 -29.03 -0.54 4.34
N LEU A 70 -29.51 -1.68 4.85
CA LEU A 70 -28.89 -2.95 4.56
C LEU A 70 -29.10 -3.40 3.12
N LYS A 71 -30.00 -2.75 2.38
CA LYS A 71 -30.38 -3.28 1.08
C LYS A 71 -29.18 -3.34 0.15
N GLY A 72 -28.99 -4.50 -0.47
CA GLY A 72 -27.89 -4.67 -1.41
C GLY A 72 -26.50 -4.71 -0.79
N ALA A 73 -26.42 -4.87 0.52
CA ALA A 73 -25.13 -5.03 1.17
C ALA A 73 -24.40 -6.24 0.62
N ASP A 74 -23.09 -6.09 0.41
CA ASP A 74 -22.24 -7.21 0.05
C ASP A 74 -21.52 -7.81 1.24
N VAL A 75 -21.20 -6.98 2.23
CA VAL A 75 -20.61 -7.41 3.50
C VAL A 75 -21.35 -6.69 4.61
N VAL A 76 -21.77 -7.43 5.63
CA VAL A 76 -22.41 -6.91 6.82
C VAL A 76 -21.55 -7.26 8.03
N ILE A 77 -21.25 -6.26 8.86
CA ILE A 77 -20.44 -6.45 10.04
C ILE A 77 -21.23 -5.98 11.25
N VAL A 78 -21.49 -6.89 12.18
CA VAL A 78 -22.40 -6.67 13.30
C VAL A 78 -21.60 -6.54 14.58
N THR A 79 -21.48 -5.30 15.07
CA THR A 79 -20.93 -5.01 16.40
C THR A 79 -22.01 -4.56 17.37
N ALA A 80 -23.25 -4.40 16.93
CA ALA A 80 -24.28 -3.88 17.81
C ALA A 80 -24.55 -4.87 18.94
N GLY A 81 -24.82 -4.33 20.11
CA GLY A 81 -25.29 -5.15 21.21
C GLY A 81 -24.85 -4.59 22.54
N PHE A 82 -25.49 -5.08 23.59
CA PHE A 82 -25.20 -4.65 24.94
C PHE A 82 -23.89 -5.21 25.42
N THR A 83 -23.17 -4.42 26.22
CA THR A 83 -21.97 -4.90 26.86
C THR A 83 -22.00 -4.75 28.38
N LYS A 84 -22.98 -4.03 28.93
CA LYS A 84 -23.34 -4.07 30.34
C LYS A 84 -24.72 -3.42 30.50
N ALA A 85 -25.49 -3.91 31.48
CA ALA A 85 -26.80 -3.36 31.94
C ALA A 85 -27.43 -2.27 31.05
N ASN A 94 -24.22 -12.52 36.44
CA ASN A 94 -24.49 -11.10 36.26
C ASN A 94 -24.20 -10.67 34.82
N ARG A 95 -23.39 -11.47 34.13
CA ARG A 95 -22.98 -11.15 32.77
C ARG A 95 -23.73 -11.98 31.73
N ASP A 96 -24.08 -13.22 32.08
CA ASP A 96 -25.03 -14.00 31.30
C ASP A 96 -26.36 -13.29 31.14
N ASP A 97 -26.65 -12.31 32.01
CA ASP A 97 -27.91 -11.60 31.95
C ASP A 97 -28.13 -10.88 30.62
N LEU A 98 -27.04 -10.60 29.89
CA LEU A 98 -27.14 -9.88 28.62
C LEU A 98 -27.58 -10.76 27.46
N LEU A 99 -27.58 -12.08 27.62
CA LEU A 99 -27.80 -12.96 26.48
C LEU A 99 -29.20 -12.87 25.90
N PRO A 100 -30.27 -12.77 26.71
CA PRO A 100 -31.59 -12.60 26.11
C PRO A 100 -31.74 -11.25 25.41
N LEU A 101 -31.10 -10.20 25.93
CA LEU A 101 -31.14 -8.91 25.27
C LEU A 101 -30.49 -8.97 23.88
N ASN A 102 -29.22 -9.36 23.82
CA ASN A 102 -28.53 -9.47 22.54
C ASN A 102 -29.15 -10.51 21.63
N ASN A 103 -29.83 -11.52 22.20
CA ASN A 103 -30.56 -12.46 21.35
C ASN A 103 -31.64 -11.73 20.58
N LYS A 104 -32.37 -10.84 21.24
CA LYS A 104 -33.45 -10.13 20.57
C LYS A 104 -32.92 -9.20 19.49
N ILE A 105 -31.74 -8.61 19.70
CA ILE A 105 -31.10 -7.78 18.70
C ILE A 105 -30.74 -8.61 17.46
N MET A 106 -30.19 -9.81 17.66
CA MET A 106 -29.88 -10.67 16.53
C MET A 106 -31.14 -11.05 15.78
N ILE A 107 -32.26 -11.27 16.50
CA ILE A 107 -33.48 -11.60 15.78
C ILE A 107 -33.85 -10.48 14.82
N GLU A 108 -33.79 -9.24 15.31
CA GLU A 108 -34.13 -8.10 14.46
C GLU A 108 -33.18 -7.98 13.29
N ILE A 109 -31.87 -8.00 13.56
CA ILE A 109 -30.90 -7.85 12.48
C ILE A 109 -31.07 -8.96 11.44
N GLY A 110 -31.21 -10.20 11.92
CA GLY A 110 -31.41 -11.33 11.02
C GLY A 110 -32.63 -11.17 10.13
N GLY A 111 -33.74 -10.71 10.70
CA GLY A 111 -34.91 -10.42 9.88
C GLY A 111 -34.61 -9.50 8.71
N HIS A 112 -33.89 -8.41 8.98
CA HIS A 112 -33.57 -7.48 7.91
C HIS A 112 -32.58 -8.07 6.92
N ILE A 113 -31.54 -8.76 7.41
CA ILE A 113 -30.59 -9.42 6.51
C ILE A 113 -31.34 -10.33 5.56
N LYS A 114 -32.29 -11.11 6.10
CA LYS A 114 -33.05 -12.07 5.31
C LYS A 114 -33.89 -11.39 4.26
N ASN A 115 -34.31 -10.16 4.53
CA ASN A 115 -35.19 -9.42 3.65
C ASN A 115 -34.43 -8.54 2.66
N LEU A 116 -33.30 -7.97 3.05
CA LEU A 116 -32.66 -6.92 2.28
C LEU A 116 -31.35 -7.31 1.60
N CYS A 117 -30.53 -8.16 2.22
CA CYS A 117 -29.22 -8.55 1.68
C CYS A 117 -29.01 -10.06 1.95
N PRO A 118 -29.92 -10.89 1.53
CA PRO A 118 -29.82 -12.34 1.82
C PRO A 118 -28.56 -12.98 1.26
N ASN A 119 -27.83 -12.31 0.37
CA ASN A 119 -26.64 -12.84 -0.26
C ASN A 119 -25.39 -12.16 0.29
N ALA A 120 -25.52 -11.49 1.43
CA ALA A 120 -24.37 -10.77 1.97
C ALA A 120 -23.43 -11.74 2.68
N PHE A 121 -22.19 -11.28 2.91
CA PHE A 121 -21.23 -12.01 3.73
C PHE A 121 -21.27 -11.37 5.10
N ILE A 122 -21.58 -12.17 6.11
CA ILE A 122 -21.83 -11.68 7.47
C ILE A 122 -20.64 -12.01 8.35
N ILE A 123 -20.09 -11.00 9.02
CA ILE A 123 -19.09 -11.19 10.07
C ILE A 123 -19.67 -10.69 11.38
N VAL A 124 -19.85 -11.58 12.36
CA VAL A 124 -20.43 -11.18 13.64
C VAL A 124 -19.35 -10.93 14.68
N VAL A 125 -19.54 -9.88 15.47
CA VAL A 125 -18.55 -9.51 16.46
C VAL A 125 -19.12 -9.53 17.88
N THR A 126 -20.44 -9.33 18.00
CA THR A 126 -21.10 -9.20 19.30
C THR A 126 -20.76 -10.37 20.22
N ASN A 127 -20.32 -10.01 21.53
CA ASN A 127 -19.90 -11.13 22.36
C ASN A 127 -21.01 -11.60 23.31
N PRO A 128 -21.02 -12.90 23.72
CA PRO A 128 -20.09 -13.98 23.33
C PRO A 128 -20.28 -14.49 21.89
N VAL A 129 -19.25 -14.30 21.08
CA VAL A 129 -19.44 -14.32 19.63
C VAL A 129 -19.90 -15.69 19.14
N ASP A 130 -19.40 -16.78 19.76
CA ASP A 130 -19.74 -18.11 19.27
C ASP A 130 -21.21 -18.45 19.49
N VAL A 131 -21.84 -17.82 20.48
CA VAL A 131 -23.30 -17.91 20.59
C VAL A 131 -23.94 -16.93 19.60
N MET A 132 -23.49 -15.67 19.63
CA MET A 132 -24.19 -14.66 18.85
C MET A 132 -24.15 -14.96 17.36
N VAL A 133 -23.01 -15.49 16.85
CA VAL A 133 -22.96 -15.74 15.41
C VAL A 133 -23.92 -16.84 15.02
N GLN A 134 -24.19 -17.80 15.92
CA GLN A 134 -25.12 -18.87 15.59
C GLN A 134 -26.55 -18.36 15.58
N LEU A 135 -26.92 -17.54 16.58
CA LEU A 135 -28.27 -16.98 16.61
C LEU A 135 -28.56 -16.24 15.31
N LEU A 136 -27.64 -15.37 14.89
CA LEU A 136 -27.87 -14.62 13.65
C LEU A 136 -27.79 -15.51 12.44
N PHE A 137 -27.00 -16.59 12.49
CA PHE A 137 -27.04 -17.60 11.43
C PHE A 137 -28.45 -18.13 11.27
N GLU A 138 -29.10 -18.44 12.40
CA GLU A 138 -30.40 -19.12 12.38
C GLU A 138 -31.52 -18.17 12.01
N HIS A 139 -31.45 -16.91 12.46
CA HIS A 139 -32.52 -15.96 12.18
C HIS A 139 -32.40 -15.31 10.81
N SER A 140 -31.20 -15.25 10.25
CA SER A 140 -31.03 -14.65 8.94
C SER A 140 -31.12 -15.66 7.81
N GLY A 141 -30.84 -16.93 8.08
CA GLY A 141 -30.99 -17.94 7.06
C GLY A 141 -29.96 -17.89 5.96
N VAL A 142 -28.88 -17.13 6.14
CA VAL A 142 -27.81 -17.08 5.15
C VAL A 142 -27.09 -18.43 5.19
N PRO A 143 -26.49 -18.86 4.09
CA PRO A 143 -25.82 -20.17 4.09
C PRO A 143 -24.67 -20.26 5.10
N LYS A 144 -24.33 -21.50 5.44
CA LYS A 144 -23.28 -21.83 6.41
C LYS A 144 -21.98 -21.11 6.07
N ASN A 145 -21.63 -21.05 4.77
CA ASN A 145 -20.35 -20.52 4.31
C ASN A 145 -20.39 -19.01 4.04
N LYS A 146 -21.42 -18.30 4.49
CA LYS A 146 -21.47 -16.84 4.34
C LYS A 146 -21.56 -16.12 5.67
N ILE A 147 -21.35 -16.79 6.80
CA ILE A 147 -21.38 -16.10 8.08
C ILE A 147 -20.34 -16.70 9.01
N ILE A 148 -19.56 -15.83 9.66
CA ILE A 148 -18.50 -16.21 10.58
C ILE A 148 -18.45 -15.20 11.71
N GLY A 149 -17.73 -15.55 12.77
CA GLY A 149 -17.58 -14.69 13.93
C GLY A 149 -16.12 -14.37 14.18
N LEU A 150 -15.85 -13.15 14.62
CA LEU A 150 -14.47 -12.79 14.95
C LEU A 150 -14.06 -13.48 16.23
N GLY A 151 -12.84 -14.00 16.24
CA GLY A 151 -12.26 -14.62 17.42
C GLY A 151 -10.78 -14.85 17.26
N GLY A 152 -10.43 -15.83 16.43
CA GLY A 152 -9.05 -16.27 16.32
C GLY A 152 -8.09 -15.19 15.82
N VAL A 153 -8.52 -14.41 14.81
CA VAL A 153 -7.59 -13.40 14.28
C VAL A 153 -7.22 -12.43 15.36
N LEU A 154 -8.21 -12.02 16.17
CA LEU A 154 -7.93 -11.09 17.24
C LEU A 154 -7.09 -11.73 18.34
N ASP A 155 -7.54 -12.89 18.87
CA ASP A 155 -6.82 -13.54 19.98
C ASP A 155 -5.40 -13.90 19.59
N THR A 156 -5.21 -14.49 18.41
CA THR A 156 -3.86 -14.88 18.02
C THR A 156 -3.00 -13.66 17.73
N SER A 157 -3.62 -12.55 17.30
CA SER A 157 -2.85 -11.33 17.04
C SER A 157 -2.14 -10.86 18.30
N ARG A 158 -2.81 -10.98 19.46
CA ARG A 158 -2.19 -10.66 20.74
C ARG A 158 -1.04 -11.60 21.06
N LEU A 159 -1.29 -12.92 20.94
CA LEU A 159 -0.26 -13.91 21.22
C LEU A 159 0.92 -13.75 20.29
N LYS A 160 0.66 -13.60 18.98
CA LYS A 160 1.77 -13.36 18.05
C LYS A 160 2.56 -12.14 18.47
N TYR A 161 1.86 -11.05 18.80
CA TYR A 161 2.56 -9.81 19.11
C TYR A 161 3.42 -9.97 20.36
N TYR A 162 2.85 -10.54 21.43
CA TYR A 162 3.59 -10.67 22.68
C TYR A 162 4.82 -11.57 22.49
N ILE A 163 4.68 -12.64 21.69
CA ILE A 163 5.84 -13.49 21.40
C ILE A 163 6.86 -12.74 20.54
N SER A 164 6.40 -12.03 19.50
CA SER A 164 7.34 -11.38 18.59
C SER A 164 8.21 -10.35 19.30
N GLN A 165 7.68 -9.73 20.34
CA GLN A 165 8.46 -8.74 21.07
C GLN A 165 9.47 -9.40 21.97
N LYS A 166 9.17 -10.60 22.46
CA LYS A 166 10.12 -11.30 23.30
C LYS A 166 11.30 -11.83 22.47
N LEU A 167 11.03 -12.30 21.26
CA LEU A 167 12.07 -12.80 20.38
C LEU A 167 12.65 -11.73 19.43
N ASN A 168 12.20 -10.48 19.57
CA ASN A 168 12.67 -9.37 18.74
CA ASN A 168 12.64 -9.35 18.74
C ASN A 168 12.61 -9.69 17.24
N VAL A 169 11.44 -10.11 16.77
CA VAL A 169 11.19 -10.37 15.36
C VAL A 169 9.91 -9.68 14.96
N CYS A 170 9.63 -9.77 13.67
CA CYS A 170 8.48 -9.08 13.12
C CYS A 170 7.21 -9.76 13.59
N PRO A 171 6.21 -8.99 14.06
CA PRO A 171 5.02 -9.62 14.65
C PRO A 171 4.32 -10.62 13.73
N ARG A 172 4.22 -10.32 12.43
CA ARG A 172 3.54 -11.23 11.51
C ARG A 172 4.32 -12.53 11.32
N ASP A 173 5.62 -12.56 11.60
CA ASP A 173 6.41 -13.78 11.41
C ASP A 173 6.13 -14.85 12.47
N VAL A 174 5.42 -14.50 13.52
CA VAL A 174 4.98 -15.47 14.51
C VAL A 174 3.63 -16.00 14.04
N ASN A 175 3.50 -17.30 14.02
CA ASN A 175 2.22 -17.92 13.71
C ASN A 175 1.71 -18.69 14.92
N ALA A 176 0.41 -18.64 15.14
CA ALA A 176 -0.19 -19.30 16.30
C ALA A 176 -1.66 -19.52 16.03
N LEU A 177 -2.19 -20.57 16.62
CA LEU A 177 -3.61 -20.90 16.47
C LEU A 177 -4.26 -20.92 17.85
N ILE A 178 -5.38 -20.22 17.97
CA ILE A 178 -6.22 -20.23 19.16
C ILE A 178 -7.60 -20.61 18.67
N VAL A 179 -8.14 -21.70 19.18
CA VAL A 179 -9.35 -22.30 18.61
C VAL A 179 -10.38 -22.54 19.72
N GLY A 180 -11.49 -23.16 19.33
CA GLY A 180 -12.53 -23.50 20.29
C GLY A 180 -13.59 -22.43 20.46
N ALA A 181 -13.22 -21.35 21.14
CA ALA A 181 -14.13 -20.25 21.37
C ALA A 181 -13.32 -19.01 21.66
N HIS A 182 -13.89 -17.85 21.32
CA HIS A 182 -13.37 -16.57 21.77
C HIS A 182 -13.79 -16.40 23.21
N GLY A 183 -12.86 -16.03 24.08
CA GLY A 183 -13.21 -15.86 25.47
C GLY A 183 -12.30 -16.66 26.37
N ASN A 184 -12.73 -16.83 27.61
CA ASN A 184 -11.87 -17.36 28.67
C ASN A 184 -11.44 -18.79 28.40
N LYS A 185 -12.26 -19.54 27.67
CA LYS A 185 -11.97 -20.92 27.36
C LYS A 185 -11.23 -21.09 26.05
N MET A 186 -10.64 -20.02 25.52
CA MET A 186 -9.89 -20.14 24.28
C MET A 186 -8.78 -21.17 24.46
N VAL A 187 -8.58 -21.97 23.43
CA VAL A 187 -7.64 -23.08 23.46
C VAL A 187 -6.35 -22.60 22.80
N LEU A 188 -5.30 -22.43 23.60
CA LEU A 188 -4.01 -21.95 23.11
C LEU A 188 -3.13 -23.15 22.75
N LEU A 189 -2.84 -23.32 21.46
CA LEU A 189 -2.17 -24.52 20.98
C LEU A 189 -0.66 -24.31 20.91
N LYS A 190 -0.01 -24.46 22.07
CA LYS A 190 1.43 -24.25 22.17
C LYS A 190 2.22 -25.08 21.15
N ARG A 191 1.72 -26.26 20.81
CA ARG A 191 2.35 -27.15 19.85
C ARG A 191 2.40 -26.55 18.45
N TYR A 192 1.52 -25.59 18.15
CA TYR A 192 1.37 -25.05 16.80
C TYR A 192 2.05 -23.69 16.59
N ILE A 193 2.78 -23.19 17.59
CA ILE A 193 3.39 -21.87 17.47
C ILE A 193 4.70 -21.98 16.70
N THR A 194 4.86 -21.12 15.69
CA THR A 194 6.08 -21.03 14.90
C THR A 194 6.59 -19.59 14.83
N VAL A 195 7.89 -19.47 14.58
CA VAL A 195 8.55 -18.18 14.38
C VAL A 195 9.37 -18.25 13.10
N GLY A 196 9.02 -17.42 12.12
CA GLY A 196 9.63 -17.57 10.81
C GLY A 196 9.43 -18.94 10.21
N GLY A 197 8.32 -19.59 10.53
CA GLY A 197 8.08 -20.95 10.08
C GLY A 197 8.74 -22.02 10.92
N ILE A 198 9.52 -21.63 11.93
CA ILE A 198 10.30 -22.52 12.80
C ILE A 198 9.51 -22.86 14.07
N PRO A 199 9.48 -24.12 14.51
CA PRO A 199 8.75 -24.45 15.74
C PRO A 199 9.28 -23.67 16.94
N LEU A 200 8.35 -23.10 17.72
CA LEU A 200 8.71 -22.31 18.88
C LEU A 200 9.63 -23.08 19.84
N GLN A 201 9.42 -24.38 19.96
CA GLN A 201 10.17 -25.19 20.91
C GLN A 201 11.69 -25.07 20.67
N GLU A 202 12.11 -24.85 19.42
CA GLU A 202 13.54 -24.63 19.14
C GLU A 202 14.05 -23.36 19.81
N PHE A 203 13.19 -22.37 19.99
CA PHE A 203 13.61 -21.15 20.66
C PHE A 203 13.64 -21.31 22.17
N ILE A 204 12.74 -22.13 22.72
CA ILE A 204 12.84 -22.53 24.12
C ILE A 204 14.09 -23.37 24.34
N ASN A 205 14.35 -24.36 23.46
CA ASN A 205 15.56 -25.18 23.56
C ASN A 205 16.81 -24.34 23.53
N ASN A 206 16.81 -23.28 22.72
CA ASN A 206 17.91 -22.35 22.59
C ASN A 206 17.97 -21.33 23.70
N LYS A 207 17.07 -21.39 24.68
CA LYS A 207 17.05 -20.45 25.78
C LYS A 207 16.75 -19.01 25.32
N LYS A 208 16.17 -18.84 24.14
CA LYS A 208 15.74 -17.52 23.71
C LYS A 208 14.43 -17.10 24.37
N ILE A 209 13.70 -18.04 24.95
CA ILE A 209 12.48 -17.79 25.70
C ILE A 209 12.18 -19.04 26.52
N THR A 210 11.68 -18.85 27.73
CA THR A 210 11.44 -19.96 28.66
C THR A 210 9.97 -20.36 28.66
N ASP A 211 9.74 -21.61 29.10
CA ASP A 211 8.38 -22.12 29.19
C ASP A 211 7.51 -21.31 30.15
N GLU A 212 8.11 -20.76 31.21
CA GLU A 212 7.37 -19.91 32.13
C GLU A 212 6.90 -18.64 31.42
N GLU A 213 7.80 -18.03 30.65
CA GLU A 213 7.47 -16.83 29.89
C GLU A 213 6.37 -17.11 28.88
N VAL A 214 6.40 -18.29 28.25
CA VAL A 214 5.34 -18.65 27.32
C VAL A 214 4.00 -18.75 28.04
N GLU A 215 4.01 -19.32 29.25
CA GLU A 215 2.74 -19.45 29.95
C GLU A 215 2.26 -18.11 30.50
N GLY A 216 3.18 -17.23 30.88
CA GLY A 216 2.76 -15.86 31.21
C GLY A 216 2.08 -15.18 30.03
N ILE A 217 2.67 -15.33 28.83
CA ILE A 217 2.12 -14.74 27.62
C ILE A 217 0.75 -15.34 27.31
N PHE A 218 0.56 -16.64 27.59
CA PHE A 218 -0.76 -17.23 27.38
C PHE A 218 -1.80 -16.56 28.27
N ASP A 219 -1.45 -16.38 29.54
CA ASP A 219 -2.35 -15.73 30.47
C ASP A 219 -2.55 -14.26 30.11
N ARG A 220 -1.49 -13.58 29.70
CA ARG A 220 -1.67 -12.20 29.24
C ARG A 220 -2.65 -12.15 28.08
N THR A 221 -2.51 -13.08 27.12
CA THR A 221 -3.41 -13.13 25.97
C THR A 221 -4.85 -13.31 26.40
N VAL A 222 -5.13 -14.33 27.23
CA VAL A 222 -6.49 -14.64 27.64
C VAL A 222 -7.14 -13.41 28.30
N ASN A 223 -6.33 -12.60 28.98
CA ASN A 223 -6.81 -11.44 29.73
C ASN A 223 -6.52 -10.10 29.04
N THR A 224 -6.22 -10.09 27.74
CA THR A 224 -5.80 -8.82 27.16
C THR A 224 -6.91 -7.77 27.18
N ALA A 225 -8.16 -8.16 26.87
CA ALA A 225 -9.27 -7.20 26.95
C ALA A 225 -9.35 -6.55 28.32
N LEU A 226 -9.15 -7.33 29.39
CA LEU A 226 -9.28 -6.77 30.72
C LEU A 226 -8.06 -5.93 31.11
N GLU A 227 -6.87 -6.29 30.62
CA GLU A 227 -5.71 -5.44 30.87
C GLU A 227 -5.94 -4.03 30.35
N ILE A 228 -6.59 -3.91 29.17
CA ILE A 228 -6.80 -2.63 28.51
C ILE A 228 -7.92 -1.84 29.18
N VAL A 229 -9.00 -2.52 29.55
CA VAL A 229 -10.10 -1.92 30.29
C VAL A 229 -9.61 -1.36 31.62
N ASN A 230 -8.67 -2.07 32.26
CA ASN A 230 -8.17 -1.61 33.55
C ASN A 230 -7.30 -0.37 33.38
N LEU A 231 -6.69 -0.22 32.20
CA LEU A 231 -5.90 0.97 31.94
C LEU A 231 -6.75 2.18 31.57
N LEU A 232 -8.09 2.05 31.63
CA LEU A 232 -9.03 3.12 31.26
C LEU A 232 -9.02 3.41 29.77
N ALA A 233 -9.18 2.34 28.98
CA ALA A 233 -9.31 2.38 27.53
C ALA A 233 -10.18 1.19 27.18
N SER A 234 -10.24 0.82 25.90
CA SER A 234 -11.00 -0.37 25.53
C SER A 234 -10.48 -0.84 24.17
N PRO A 235 -10.53 -2.14 23.89
CA PRO A 235 -9.95 -2.62 22.62
C PRO A 235 -10.88 -2.33 21.46
N TYR A 236 -10.37 -1.65 20.43
CA TYR A 236 -11.15 -1.49 19.21
C TYR A 236 -10.26 -1.48 17.98
N VAL A 237 -9.05 -0.94 18.10
CA VAL A 237 -8.14 -0.90 16.94
C VAL A 237 -7.80 -2.30 16.48
N ALA A 238 -7.25 -3.12 17.38
CA ALA A 238 -6.94 -4.49 16.99
C ALA A 238 -8.19 -5.27 16.58
N PRO A 239 -9.32 -5.18 17.29
CA PRO A 239 -10.54 -5.85 16.77
C PRO A 239 -10.90 -5.41 15.36
N ALA A 240 -10.86 -4.10 15.09
CA ALA A 240 -11.24 -3.62 13.76
C ALA A 240 -10.26 -4.10 12.69
N ALA A 241 -8.97 -4.04 12.98
CA ALA A 241 -7.99 -4.54 12.02
C ALA A 241 -8.22 -6.02 11.73
N ALA A 242 -8.62 -6.78 12.75
CA ALA A 242 -8.84 -8.20 12.51
C ALA A 242 -10.05 -8.42 11.58
N ILE A 243 -11.13 -7.68 11.82
CA ILE A 243 -12.31 -7.80 10.97
C ILE A 243 -11.99 -7.40 9.53
N ILE A 244 -11.22 -6.31 9.36
CA ILE A 244 -10.94 -5.86 8.00
C ILE A 244 -10.02 -6.86 7.29
N GLU A 245 -9.13 -7.54 8.02
CA GLU A 245 -8.37 -8.60 7.36
C GLU A 245 -9.32 -9.70 6.87
N MET A 246 -10.23 -10.17 7.73
CA MET A 246 -11.18 -11.18 7.28
C MET A 246 -12.06 -10.67 6.14
N ALA A 247 -12.55 -9.43 6.25
CA ALA A 247 -13.43 -8.91 5.21
C ALA A 247 -12.66 -8.70 3.90
N GLU A 248 -11.40 -8.24 3.97
CA GLU A 248 -10.60 -8.05 2.77
C GLU A 248 -10.31 -9.37 2.07
N SER A 249 -10.10 -10.45 2.83
CA SER A 249 -9.87 -11.74 2.19
C SER A 249 -11.08 -12.18 1.38
N TYR A 250 -12.30 -11.85 1.84
CA TYR A 250 -13.50 -12.16 1.07
C TYR A 250 -13.62 -11.26 -0.17
N LEU A 251 -13.51 -9.95 0.01
CA LEU A 251 -13.77 -9.01 -1.08
C LEU A 251 -12.73 -9.14 -2.20
N LYS A 252 -11.49 -9.49 -1.88
CA LYS A 252 -10.44 -9.62 -2.90
C LYS A 252 -10.08 -11.07 -3.20
N ASP A 253 -10.83 -12.05 -2.67
CA ASP A 253 -10.61 -13.45 -2.97
C ASP A 253 -9.15 -13.87 -2.71
N ILE A 254 -8.64 -13.54 -1.52
CA ILE A 254 -7.24 -13.85 -1.21
C ILE A 254 -7.03 -15.28 -0.69
N LYS A 255 -8.07 -15.93 -0.16
CA LYS A 255 -7.97 -17.29 0.36
C LYS A 255 -6.92 -17.38 1.47
N LYS A 256 -6.94 -16.39 2.36
CA LYS A 256 -6.11 -16.45 3.56
C LYS A 256 -6.64 -17.52 4.50
N VAL A 257 -5.73 -18.17 5.22
CA VAL A 257 -6.11 -19.09 6.30
C VAL A 257 -6.25 -18.28 7.58
N LEU A 258 -7.49 -18.11 8.05
CA LEU A 258 -7.80 -17.30 9.21
C LEU A 258 -8.60 -18.15 10.18
N VAL A 259 -8.32 -18.01 11.48
CA VAL A 259 -9.04 -18.75 12.51
C VAL A 259 -10.29 -17.97 12.87
N CYS A 260 -11.47 -18.54 12.60
CA CYS A 260 -12.72 -17.85 12.90
C CYS A 260 -13.78 -18.81 13.41
N SER A 261 -14.88 -18.25 13.87
CA SER A 261 -15.97 -19.01 14.44
C SER A 261 -16.91 -19.40 13.30
N THR A 262 -17.06 -20.71 13.08
CA THR A 262 -17.89 -21.23 12.00
C THR A 262 -18.69 -22.43 12.51
N LEU A 263 -19.67 -22.87 11.71
CA LEU A 263 -20.56 -23.96 12.10
C LEU A 263 -19.85 -25.30 12.05
N LEU A 264 -19.82 -26.01 13.17
CA LEU A 264 -19.17 -27.32 13.20
C LEU A 264 -20.20 -28.41 12.94
N GLU A 265 -19.95 -29.22 11.92
CA GLU A 265 -20.84 -30.30 11.54
C GLU A 265 -20.11 -31.64 11.69
N GLY A 266 -19.52 -31.87 12.86
CA GLY A 266 -18.79 -33.10 13.13
C GLY A 266 -17.35 -32.87 13.58
N GLN A 267 -16.69 -31.84 13.04
CA GLN A 267 -15.28 -31.62 13.35
C GLN A 267 -15.07 -31.56 14.85
N TYR A 268 -13.95 -32.13 15.30
CA TYR A 268 -13.58 -32.23 16.72
C TYR A 268 -14.61 -33.01 17.53
N GLY A 269 -15.57 -33.64 16.84
CA GLY A 269 -16.61 -34.36 17.52
C GLY A 269 -17.79 -33.52 17.93
N HIS A 270 -18.03 -32.39 17.30
CA HIS A 270 -19.09 -31.49 17.72
C HIS A 270 -19.96 -31.09 16.54
N SER A 271 -21.25 -30.84 16.83
CA SER A 271 -22.25 -30.56 15.80
C SER A 271 -23.25 -29.52 16.29
N ASN A 272 -23.88 -28.86 15.33
CA ASN A 272 -24.89 -27.83 15.56
C ASN A 272 -24.44 -26.86 16.65
N ILE A 273 -23.21 -26.38 16.51
CA ILE A 273 -22.67 -25.35 17.39
C ILE A 273 -21.58 -24.67 16.59
N PHE A 274 -21.28 -23.42 16.94
CA PHE A 274 -20.19 -22.69 16.27
C PHE A 274 -18.96 -22.71 17.15
N GLY A 275 -17.79 -22.82 16.51
CA GLY A 275 -16.54 -22.84 17.22
C GLY A 275 -15.42 -22.33 16.35
N GLY A 276 -14.36 -21.87 17.00
CA GLY A 276 -13.23 -21.28 16.30
C GLY A 276 -12.32 -22.36 15.75
N THR A 277 -12.03 -22.29 14.45
CA THR A 277 -11.15 -23.24 13.78
C THR A 277 -10.60 -22.56 12.53
N PRO A 278 -9.39 -22.92 12.08
CA PRO A 278 -8.86 -22.28 10.88
C PRO A 278 -9.77 -22.52 9.68
N LEU A 279 -9.99 -21.47 8.89
CA LEU A 279 -10.77 -21.50 7.67
C LEU A 279 -10.05 -20.74 6.57
N VAL A 280 -10.49 -20.98 5.34
CA VAL A 280 -10.01 -20.26 4.17
C VAL A 280 -11.13 -19.35 3.72
N ILE A 281 -10.89 -18.04 3.77
CA ILE A 281 -11.87 -17.07 3.35
C ILE A 281 -11.52 -16.65 1.94
N GLY A 282 -12.39 -16.95 0.97
CA GLY A 282 -12.17 -16.56 -0.41
C GLY A 282 -13.39 -15.86 -0.96
N GLY A 283 -13.44 -15.70 -2.30
CA GLY A 283 -14.49 -14.91 -2.91
C GLY A 283 -15.89 -15.47 -2.72
N THR A 284 -16.00 -16.79 -2.57
CA THR A 284 -17.29 -17.46 -2.40
C THR A 284 -17.70 -17.61 -0.94
N GLY A 285 -16.93 -17.05 -0.02
CA GLY A 285 -17.22 -17.18 1.40
C GLY A 285 -16.17 -18.03 2.07
N VAL A 286 -16.58 -18.81 3.09
CA VAL A 286 -15.73 -19.84 3.66
C VAL A 286 -15.53 -20.94 2.63
N GLU A 287 -14.29 -21.13 2.19
CA GLU A 287 -14.05 -22.11 1.15
C GLU A 287 -13.56 -23.45 1.67
N GLN A 288 -12.96 -23.49 2.85
CA GLN A 288 -12.60 -24.74 3.49
C GLN A 288 -12.76 -24.58 5.00
N VAL A 289 -13.19 -25.64 5.66
CA VAL A 289 -13.11 -25.70 7.11
C VAL A 289 -12.06 -26.74 7.46
N ILE A 290 -10.99 -26.29 8.10
CA ILE A 290 -9.80 -27.07 8.36
C ILE A 290 -9.83 -27.57 9.80
N GLU A 291 -9.88 -28.90 9.95
CA GLU A 291 -9.89 -29.55 11.25
C GLU A 291 -8.45 -29.88 11.65
N LEU A 292 -7.96 -29.23 12.70
CA LEU A 292 -6.65 -29.57 13.26
C LEU A 292 -6.66 -30.96 13.86
N GLN A 293 -5.56 -31.69 13.70
CA GLN A 293 -5.43 -33.04 14.30
C GLN A 293 -4.86 -32.91 15.71
N LEU A 294 -5.74 -32.56 16.64
CA LEU A 294 -5.35 -32.34 18.02
C LEU A 294 -5.12 -33.66 18.74
N ASN A 295 -4.17 -33.64 19.68
CA ASN A 295 -3.96 -34.78 20.55
C ASN A 295 -5.01 -34.77 21.67
N ALA A 296 -4.97 -35.79 22.54
CA ALA A 296 -6.09 -35.98 23.45
C ALA A 296 -6.25 -34.80 24.42
N GLU A 297 -5.13 -34.20 24.86
CA GLU A 297 -5.27 -33.14 25.86
C GLU A 297 -5.78 -31.85 25.24
N GLU A 298 -5.33 -31.53 24.02
CA GLU A 298 -5.87 -30.37 23.32
C GLU A 298 -7.34 -30.57 23.04
N LYS A 299 -7.73 -31.79 22.66
CA LYS A 299 -9.13 -32.08 22.34
C LYS A 299 -10.01 -31.92 23.57
N THR A 300 -9.47 -32.25 24.74
CA THR A 300 -10.21 -32.05 25.99
C THR A 300 -10.47 -30.57 26.24
N LYS A 301 -9.46 -29.72 26.03
CA LYS A 301 -9.69 -28.30 26.28
C LYS A 301 -10.64 -27.71 25.25
N PHE A 302 -10.59 -28.23 24.02
CA PHE A 302 -11.57 -27.84 23.01
C PHE A 302 -12.98 -28.21 23.42
N ASP A 303 -13.17 -29.41 23.98
CA ASP A 303 -14.50 -29.79 24.44
C ASP A 303 -15.03 -28.84 25.49
N GLU A 304 -14.16 -28.30 26.36
CA GLU A 304 -14.59 -27.35 27.38
C GLU A 304 -15.03 -26.04 26.75
N ALA A 305 -14.32 -25.57 25.73
CA ALA A 305 -14.70 -24.31 25.10
C ALA A 305 -16.08 -24.42 24.46
N VAL A 306 -16.31 -25.50 23.71
CA VAL A 306 -17.62 -25.73 23.10
C VAL A 306 -18.68 -25.93 24.17
N ALA A 307 -18.33 -26.66 25.23
CA ALA A 307 -19.31 -26.89 26.30
C ALA A 307 -19.72 -25.58 26.93
N GLU A 308 -18.79 -24.63 27.05
CA GLU A 308 -19.14 -23.33 27.62
C GLU A 308 -19.97 -22.52 26.65
N THR A 309 -19.74 -22.67 25.35
CA THR A 309 -20.62 -22.07 24.36
C THR A 309 -22.04 -22.63 24.47
N LYS A 310 -22.17 -23.93 24.73
CA LYS A 310 -23.51 -24.51 24.82
C LYS A 310 -24.21 -24.19 26.14
N ARG A 311 -23.46 -24.01 27.23
CA ARG A 311 -24.07 -23.54 28.46
C ARG A 311 -24.78 -22.21 28.23
N MET A 312 -24.08 -21.25 27.64
CA MET A 312 -24.65 -19.93 27.41
C MET A 312 -25.77 -19.96 26.40
N LYS A 313 -25.68 -20.82 25.38
CA LYS A 313 -26.71 -20.88 24.36
C LYS A 313 -28.04 -21.38 24.90
N ALA A 314 -28.00 -22.18 25.97
CA ALA A 314 -29.19 -22.70 26.62
C ALA A 314 -29.91 -21.66 27.46
N LEU A 315 -29.33 -20.49 27.66
CA LEU A 315 -29.90 -19.43 28.48
C LEU A 315 -30.54 -18.29 27.67
N ILE A 316 -30.63 -18.39 26.34
CA ILE A 316 -31.18 -17.27 25.58
C ILE A 316 -32.67 -17.46 25.44
N PRO B 3 17.54 4.19 14.75
CA PRO B 3 17.35 3.20 13.68
C PRO B 3 16.09 3.45 12.83
N LYS B 4 14.90 3.36 13.47
CA LYS B 4 13.48 3.57 13.24
C LYS B 4 13.01 4.86 13.92
N PRO B 5 12.22 5.68 13.23
CA PRO B 5 11.82 6.99 13.79
C PRO B 5 10.92 6.87 15.00
N LYS B 6 11.07 7.83 15.91
CA LYS B 6 10.28 7.93 17.13
C LYS B 6 9.30 9.10 17.02
N ILE B 7 8.01 8.79 17.01
CA ILE B 7 6.95 9.79 16.88
C ILE B 7 6.24 9.87 18.23
N VAL B 8 6.28 11.03 18.86
CA VAL B 8 5.66 11.24 20.16
C VAL B 8 4.39 12.05 19.94
N LEU B 9 3.26 11.45 20.30
CA LEU B 9 1.97 12.11 20.23
C LEU B 9 1.70 12.80 21.57
N VAL B 10 1.92 14.11 21.64
CA VAL B 10 1.59 14.86 22.85
C VAL B 10 0.11 15.18 22.88
N GLY B 11 -0.67 14.30 23.51
CA GLY B 11 -2.11 14.32 23.45
C GLY B 11 -2.55 12.99 22.90
N SER B 12 -3.33 12.21 23.66
CA SER B 12 -3.70 10.88 23.19
C SER B 12 -5.22 10.74 23.09
N GLY B 13 -5.89 11.84 22.74
CA GLY B 13 -7.33 11.83 22.56
C GLY B 13 -7.73 11.14 21.29
N MET B 14 -8.91 11.50 20.80
CA MET B 14 -9.43 10.82 19.63
C MET B 14 -8.59 11.06 18.39
N ILE B 15 -7.92 12.22 18.25
CA ILE B 15 -7.04 12.40 17.08
C ILE B 15 -5.79 11.56 17.22
N GLY B 16 -5.13 11.63 18.37
CA GLY B 16 -3.95 10.79 18.61
C GLY B 16 -4.28 9.31 18.45
N GLY B 17 -5.48 8.91 18.85
CA GLY B 17 -5.90 7.54 18.61
C GLY B 17 -5.80 7.14 17.15
N VAL B 18 -6.39 7.95 16.26
CA VAL B 18 -6.32 7.58 14.85
C VAL B 18 -4.90 7.75 14.30
N MET B 19 -4.13 8.71 14.81
CA MET B 19 -2.75 8.88 14.34
C MET B 19 -1.91 7.64 14.62
N ALA B 20 -1.98 7.12 15.83
CA ALA B 20 -1.22 5.91 16.18
C ALA B 20 -1.63 4.74 15.30
N THR B 21 -2.93 4.57 15.09
CA THR B 21 -3.46 3.56 14.17
C THR B 21 -2.88 3.72 12.75
N LEU B 22 -2.89 4.94 12.22
CA LEU B 22 -2.44 5.14 10.84
C LEU B 22 -0.93 4.99 10.73
N ILE B 23 -0.23 5.33 11.82
CA ILE B 23 1.22 5.14 11.83
C ILE B 23 1.57 3.66 11.75
N VAL B 24 0.90 2.82 12.55
CA VAL B 24 1.11 1.36 12.47
C VAL B 24 0.70 0.85 11.08
N GLN B 25 -0.44 1.32 10.58
CA GLN B 25 -0.88 0.90 9.25
C GLN B 25 0.19 1.18 8.19
N LYS B 26 0.88 2.31 8.29
CA LYS B 26 1.89 2.71 7.32
C LYS B 26 3.33 2.39 7.74
N ASN B 27 3.52 1.75 8.89
CA ASN B 27 4.84 1.34 9.39
C ASN B 27 5.82 2.51 9.49
N LEU B 28 5.34 3.66 9.99
CA LEU B 28 6.10 4.90 9.92
C LEU B 28 7.13 5.03 11.03
N GLY B 29 6.87 4.47 12.21
CA GLY B 29 7.83 4.56 13.30
C GLY B 29 7.24 4.13 14.63
N ASP B 30 8.11 4.12 15.64
CA ASP B 30 7.63 3.84 16.98
C ASP B 30 6.81 5.02 17.49
N VAL B 31 5.82 4.74 18.31
CA VAL B 31 4.85 5.74 18.76
C VAL B 31 4.83 5.78 20.28
N VAL B 32 4.94 6.98 20.83
CA VAL B 32 4.62 7.23 22.23
C VAL B 32 3.33 8.03 22.29
N MET B 33 2.34 7.48 22.96
CA MET B 33 1.09 8.19 23.17
C MET B 33 1.19 8.81 24.57
N PHE B 34 1.52 10.10 24.61
CA PHE B 34 1.60 10.84 25.86
C PHE B 34 0.25 11.49 26.14
N ASP B 35 -0.07 11.63 27.44
CA ASP B 35 -1.19 12.46 27.89
C ASP B 35 -1.08 12.68 29.39
N VAL B 36 -1.82 13.66 29.90
CA VAL B 36 -1.85 13.85 31.35
C VAL B 36 -2.96 13.06 32.06
N VAL B 37 -3.99 12.59 31.35
CA VAL B 37 -4.85 11.57 31.94
C VAL B 37 -4.01 10.30 32.08
N LYS B 38 -4.19 9.56 33.17
CA LYS B 38 -3.05 8.76 33.63
C LYS B 38 -2.87 7.42 32.90
N ASN B 39 -3.86 6.57 32.99
CA ASN B 39 -3.65 5.22 32.47
C ASN B 39 -4.11 5.04 31.03
N MET B 40 -5.07 5.86 30.57
CA MET B 40 -5.69 5.78 29.27
C MET B 40 -4.70 5.56 28.10
N PRO B 41 -3.57 6.29 28.04
CA PRO B 41 -2.65 6.07 26.90
C PRO B 41 -2.02 4.68 26.87
N GLN B 42 -1.69 4.11 28.02
CA GLN B 42 -1.13 2.76 28.05
C GLN B 42 -2.14 1.75 27.52
N GLY B 43 -3.41 1.95 27.85
CA GLY B 43 -4.45 1.12 27.27
C GLY B 43 -4.57 1.27 25.76
N LYS B 44 -4.58 2.51 25.27
CA LYS B 44 -4.72 2.70 23.82
C LYS B 44 -3.53 2.12 23.09
N ALA B 45 -2.31 2.33 23.63
CA ALA B 45 -1.13 1.82 22.93
C ALA B 45 -1.11 0.31 22.91
N LEU B 46 -1.53 -0.32 24.01
CA LEU B 46 -1.57 -1.77 24.06
C LEU B 46 -2.49 -2.30 22.97
N ASP B 47 -3.72 -1.78 22.94
CA ASP B 47 -4.66 -2.11 21.87
C ASP B 47 -4.03 -1.93 20.50
N THR B 48 -3.42 -0.76 20.28
CA THR B 48 -2.94 -0.42 18.95
C THR B 48 -1.78 -1.32 18.54
N SER B 49 -0.89 -1.63 19.50
CA SER B 49 0.29 -2.45 19.22
C SER B 49 -0.08 -3.76 18.55
N HIS B 50 -1.16 -4.39 18.99
CA HIS B 50 -1.54 -5.70 18.46
C HIS B 50 -1.81 -5.66 16.96
N SER B 51 -2.27 -4.51 16.43
CA SER B 51 -2.61 -4.35 15.02
C SER B 51 -1.38 -4.38 14.12
N ASN B 52 -0.17 -4.35 14.68
CA ASN B 52 1.02 -4.60 13.87
C ASN B 52 0.89 -5.88 13.09
N VAL B 53 0.28 -6.89 13.71
CA VAL B 53 0.16 -8.21 13.08
C VAL B 53 -0.67 -8.10 11.81
N MET B 54 -1.83 -7.46 11.87
CA MET B 54 -2.69 -7.38 10.70
C MET B 54 -2.05 -6.53 9.64
N ALA B 55 -1.17 -5.60 10.05
CA ALA B 55 -0.64 -4.57 9.18
C ALA B 55 0.68 -4.93 8.54
N TYR B 56 1.27 -6.08 8.90
CA TYR B 56 2.59 -6.49 8.44
C TYR B 56 3.65 -5.43 8.73
N SER B 57 3.52 -4.74 9.86
CA SER B 57 4.49 -3.74 10.26
C SER B 57 5.11 -4.12 11.59
N ASN B 58 6.15 -3.36 11.98
CA ASN B 58 6.82 -3.51 13.28
C ASN B 58 7.04 -2.12 13.85
N CYS B 59 6.02 -1.60 14.51
CA CYS B 59 6.09 -0.34 15.23
C CYS B 59 5.77 -0.55 16.70
N LYS B 60 6.69 -0.10 17.56
CA LYS B 60 6.43 -0.15 18.98
C LYS B 60 5.45 0.97 19.34
N VAL B 61 4.46 0.67 20.18
CA VAL B 61 3.44 1.63 20.55
C VAL B 61 3.27 1.58 22.07
N THR B 62 3.78 2.60 22.77
CA THR B 62 3.68 2.66 24.22
C THR B 62 2.98 3.95 24.65
N GLY B 63 2.43 3.91 25.86
CA GLY B 63 1.76 5.05 26.44
C GLY B 63 2.66 5.69 27.47
N SER B 64 2.35 6.95 27.81
CA SER B 64 3.20 7.67 28.77
C SER B 64 2.45 8.82 29.43
N ASN B 65 2.86 9.12 30.67
CA ASN B 65 2.41 10.30 31.42
C ASN B 65 3.58 11.14 31.84
N SER B 66 4.70 11.02 31.15
CA SER B 66 5.92 11.72 31.51
C SER B 66 6.47 12.39 30.27
N TYR B 67 6.64 13.70 30.32
CA TYR B 67 7.30 14.40 29.23
C TYR B 67 8.74 13.92 29.00
N ASP B 68 9.30 13.10 29.91
CA ASP B 68 10.64 12.59 29.69
C ASP B 68 10.70 11.64 28.51
N ASP B 69 9.57 11.12 28.06
CA ASP B 69 9.57 10.25 26.90
C ASP B 69 9.66 11.01 25.59
N LEU B 70 9.66 12.34 25.65
CA LEU B 70 9.99 13.13 24.48
C LEU B 70 11.45 12.96 24.09
N LYS B 71 12.24 12.29 24.92
CA LYS B 71 13.66 12.14 24.68
C LYS B 71 13.88 11.45 23.33
N GLY B 72 14.66 12.10 22.46
CA GLY B 72 14.98 11.55 21.17
C GLY B 72 13.83 11.45 20.20
N ALA B 73 12.70 12.11 20.45
CA ALA B 73 11.61 12.11 19.48
C ALA B 73 12.09 12.73 18.18
N ASP B 74 11.73 12.10 17.07
CA ASP B 74 12.04 12.61 15.74
C ASP B 74 10.93 13.46 15.18
N VAL B 75 9.70 13.14 15.55
CA VAL B 75 8.53 13.94 15.22
C VAL B 75 7.69 14.07 16.47
N VAL B 76 7.27 15.29 16.79
CA VAL B 76 6.36 15.54 17.90
C VAL B 76 5.10 16.17 17.35
N ILE B 77 3.96 15.60 17.70
CA ILE B 77 2.66 16.04 17.21
C ILE B 77 1.86 16.48 18.42
N VAL B 78 1.47 17.75 18.46
CA VAL B 78 0.88 18.33 19.66
C VAL B 78 -0.62 18.51 19.41
N THR B 79 -1.43 17.67 20.06
CA THR B 79 -2.89 17.87 20.10
C THR B 79 -3.39 18.24 21.48
N ALA B 80 -2.54 18.19 22.51
CA ALA B 80 -3.02 18.39 23.87
C ALA B 80 -3.47 19.83 24.10
N GLY B 81 -4.53 19.99 24.87
CA GLY B 81 -4.92 21.30 25.31
C GLY B 81 -6.38 21.38 25.71
N PHE B 82 -6.69 22.48 26.39
CA PHE B 82 -8.04 22.69 26.88
C PHE B 82 -8.99 22.99 25.72
N THR B 83 -10.22 22.51 25.83
CA THR B 83 -11.26 22.91 24.90
C THR B 83 -12.53 23.41 25.60
N LYS B 84 -12.64 23.27 26.93
CA LYS B 84 -13.65 23.87 27.81
C LYS B 84 -13.14 23.87 29.26
N ALA B 85 -13.84 24.65 30.12
CA ALA B 85 -13.71 24.67 31.58
C ALA B 85 -12.30 25.04 31.99
N ARG B 95 -13.25 29.54 23.39
CA ARG B 95 -13.47 30.92 23.80
C ARG B 95 -12.13 31.56 24.11
N ASP B 96 -12.15 32.89 24.26
CA ASP B 96 -10.98 33.69 24.61
C ASP B 96 -10.29 33.25 25.88
N ASP B 97 -11.04 32.75 26.87
CA ASP B 97 -10.47 32.48 28.19
C ASP B 97 -9.49 31.30 28.21
N LEU B 98 -9.56 30.39 27.23
CA LEU B 98 -8.67 29.24 27.24
C LEU B 98 -7.27 29.60 26.78
N LEU B 99 -7.08 30.76 26.18
CA LEU B 99 -5.83 31.06 25.51
C LEU B 99 -4.65 31.21 26.47
N PRO B 100 -4.80 31.86 27.63
CA PRO B 100 -3.67 31.88 28.57
C PRO B 100 -3.35 30.50 29.14
N LEU B 101 -4.36 29.65 29.34
CA LEU B 101 -4.11 28.29 29.80
C LEU B 101 -3.29 27.52 28.79
N ASN B 102 -3.82 27.37 27.56
CA ASN B 102 -3.11 26.67 26.50
C ASN B 102 -1.75 27.30 26.20
N ASN B 103 -1.57 28.60 26.50
CA ASN B 103 -0.25 29.20 26.40
C ASN B 103 0.69 28.56 27.40
N LYS B 104 0.23 28.33 28.63
CA LYS B 104 1.10 27.77 29.65
C LYS B 104 1.48 26.34 29.30
N ILE B 105 0.56 25.60 28.69
CA ILE B 105 0.86 24.24 28.23
C ILE B 105 1.93 24.26 27.15
N MET B 106 1.82 25.19 26.18
CA MET B 106 2.85 25.33 25.17
C MET B 106 4.18 25.72 25.81
N ILE B 107 4.15 26.53 26.87
CA ILE B 107 5.39 26.84 27.60
C ILE B 107 5.97 25.57 28.21
N GLU B 108 5.12 24.74 28.83
CA GLU B 108 5.63 23.49 29.41
C GLU B 108 6.22 22.58 28.34
N ILE B 109 5.47 22.34 27.26
CA ILE B 109 5.94 21.47 26.18
C ILE B 109 7.23 22.02 25.57
N GLY B 110 7.22 23.32 25.23
CA GLY B 110 8.40 23.93 24.65
C GLY B 110 9.63 23.76 25.51
N GLY B 111 9.48 23.96 26.82
CA GLY B 111 10.59 23.73 27.73
C GLY B 111 11.17 22.35 27.58
N HIS B 112 10.31 21.32 27.55
CA HIS B 112 10.79 19.96 27.39
C HIS B 112 11.34 19.72 25.99
N ILE B 113 10.64 20.20 24.96
CA ILE B 113 11.18 20.06 23.60
C ILE B 113 12.58 20.63 23.54
N LYS B 114 12.78 21.79 24.17
CA LYS B 114 14.08 22.44 24.12
C LYS B 114 15.15 21.61 24.81
N ASN B 115 14.78 20.85 25.85
CA ASN B 115 15.76 20.10 26.61
C ASN B 115 15.97 18.68 26.10
N LEU B 116 14.94 18.06 25.52
CA LEU B 116 14.96 16.62 25.26
C LEU B 116 15.06 16.24 23.79
N CYS B 117 14.37 16.94 22.90
CA CYS B 117 14.36 16.61 21.47
C CYS B 117 14.42 17.91 20.66
N PRO B 118 15.41 18.76 20.94
CA PRO B 118 15.44 20.07 20.28
C PRO B 118 15.54 19.99 18.78
N ASN B 119 15.84 18.82 18.23
CA ASN B 119 16.13 18.75 16.81
C ASN B 119 15.03 17.99 16.05
N ALA B 120 13.84 17.87 16.63
CA ALA B 120 12.66 17.20 16.09
C ALA B 120 11.87 18.10 15.16
N PHE B 121 10.94 17.49 14.43
CA PHE B 121 9.96 18.20 13.60
C PHE B 121 8.63 18.26 14.35
N ILE B 122 8.14 19.47 14.60
CA ILE B 122 6.97 19.73 15.45
C ILE B 122 5.79 20.09 14.56
N ILE B 123 4.68 19.41 14.76
CA ILE B 123 3.40 19.73 14.14
C ILE B 123 2.42 20.04 15.26
N VAL B 124 1.91 21.26 15.28
CA VAL B 124 0.97 21.68 16.31
C VAL B 124 -0.45 21.60 15.74
N VAL B 125 -1.39 21.14 16.56
CA VAL B 125 -2.80 21.03 16.15
C VAL B 125 -3.69 21.85 17.06
N THR B 126 -3.27 22.03 18.32
CA THR B 126 -4.08 22.68 19.35
C THR B 126 -4.64 24.02 18.90
N ASN B 127 -5.98 24.22 19.12
CA ASN B 127 -6.52 25.42 18.53
C ASN B 127 -6.61 26.59 19.52
N PRO B 128 -6.54 27.86 19.05
CA PRO B 128 -6.36 28.27 17.66
C PRO B 128 -4.93 28.02 17.16
N VAL B 129 -4.80 27.19 16.11
CA VAL B 129 -3.50 26.61 15.80
C VAL B 129 -2.48 27.69 15.42
N ASP B 130 -2.91 28.73 14.70
CA ASP B 130 -1.94 29.72 14.25
C ASP B 130 -1.35 30.53 15.38
N VAL B 131 -2.06 30.63 16.50
CA VAL B 131 -1.51 31.24 17.71
C VAL B 131 -0.58 30.25 18.42
N MET B 132 -1.10 29.03 18.66
CA MET B 132 -0.38 28.06 19.48
C MET B 132 0.94 27.65 18.84
N VAL B 133 0.96 27.45 17.51
CA VAL B 133 2.17 27.01 16.84
C VAL B 133 3.21 28.12 16.92
N GLN B 134 2.75 29.37 17.01
CA GLN B 134 3.71 30.46 17.22
C GLN B 134 4.26 30.44 18.64
N LEU B 135 3.37 30.25 19.62
CA LEU B 135 3.80 30.21 21.02
C LEU B 135 4.77 29.06 21.26
N LEU B 136 4.45 27.87 20.76
CA LEU B 136 5.37 26.75 20.91
C LEU B 136 6.64 26.96 20.10
N PHE B 137 6.54 27.68 18.98
CA PHE B 137 7.73 28.07 18.23
C PHE B 137 8.70 28.85 19.11
N GLU B 138 8.17 29.85 19.83
CA GLU B 138 9.03 30.75 20.58
C GLU B 138 9.53 30.14 21.89
N HIS B 139 8.75 29.28 22.53
CA HIS B 139 9.22 28.68 23.76
C HIS B 139 10.12 27.46 23.55
N SER B 140 10.00 26.77 22.40
CA SER B 140 10.84 25.61 22.12
C SER B 140 12.15 25.98 21.42
N GLY B 141 12.20 27.11 20.73
CA GLY B 141 13.44 27.53 20.11
C GLY B 141 13.84 26.76 18.86
N VAL B 142 12.95 25.95 18.31
CA VAL B 142 13.22 25.18 17.09
C VAL B 142 13.27 26.12 15.90
N PRO B 143 13.99 25.78 14.83
CA PRO B 143 14.06 26.67 13.67
C PRO B 143 12.68 26.86 13.06
N LYS B 144 12.54 27.98 12.29
CA LYS B 144 11.26 28.35 11.67
C LYS B 144 10.69 27.08 11.06
N ASN B 145 11.58 26.33 10.39
CA ASN B 145 11.30 25.32 9.37
C ASN B 145 11.19 23.93 9.94
N LYS B 146 11.14 23.83 11.25
CA LYS B 146 10.96 22.55 11.88
C LYS B 146 9.66 22.55 12.65
N ILE B 147 8.79 23.54 12.44
CA ILE B 147 7.53 23.54 13.16
C ILE B 147 6.46 24.20 12.30
N ILE B 148 5.30 23.56 12.23
CA ILE B 148 4.16 24.02 11.44
C ILE B 148 2.90 23.61 12.17
N GLY B 149 1.78 24.20 11.77
CA GLY B 149 0.48 23.93 12.38
C GLY B 149 -0.47 23.31 11.39
N LEU B 150 -1.32 22.41 11.86
CA LEU B 150 -2.31 21.82 10.99
C LEU B 150 -3.37 22.86 10.66
N GLY B 151 -3.80 22.87 9.40
CA GLY B 151 -4.87 23.76 8.97
C GLY B 151 -5.30 23.52 7.54
N GLY B 152 -4.44 23.89 6.57
CA GLY B 152 -4.84 23.85 5.17
C GLY B 152 -5.16 22.45 4.65
N VAL B 153 -4.34 21.46 5.00
CA VAL B 153 -4.57 20.11 4.49
C VAL B 153 -5.94 19.60 4.94
N LEU B 154 -6.29 19.89 6.20
CA LEU B 154 -7.59 19.48 6.72
C LEU B 154 -8.73 20.28 6.09
N ASP B 155 -8.64 21.62 6.10
CA ASP B 155 -9.69 22.46 5.53
C ASP B 155 -9.94 22.13 4.06
N THR B 156 -8.85 21.97 3.27
CA THR B 156 -9.06 21.74 1.83
C THR B 156 -9.61 20.36 1.55
N SER B 157 -9.32 19.39 2.42
CA SER B 157 -9.89 18.06 2.21
C SER B 157 -11.41 18.12 2.18
N ARG B 158 -12.02 18.96 3.03
CA ARG B 158 -13.47 19.14 3.00
C ARG B 158 -13.91 19.77 1.68
N LEU B 159 -13.25 20.87 1.30
CA LEU B 159 -13.57 21.53 0.05
C LEU B 159 -13.39 20.58 -1.14
N LYS B 160 -12.26 19.88 -1.19
CA LYS B 160 -12.01 18.92 -2.26
C LYS B 160 -13.08 17.85 -2.30
N TYR B 161 -13.40 17.25 -1.14
CA TYR B 161 -14.34 16.13 -1.12
C TYR B 161 -15.71 16.57 -1.63
N TYR B 162 -16.21 17.69 -1.12
CA TYR B 162 -17.54 18.12 -1.50
C TYR B 162 -17.64 18.45 -2.99
N ILE B 163 -16.60 19.08 -3.55
CA ILE B 163 -16.63 19.35 -5.00
C ILE B 163 -16.65 18.04 -5.78
N SER B 164 -15.80 17.09 -5.36
CA SER B 164 -15.69 15.83 -6.09
C SER B 164 -17.00 15.06 -6.08
N GLN B 165 -17.79 15.23 -5.02
CA GLN B 165 -19.05 14.50 -4.97
C GLN B 165 -20.09 15.12 -5.89
N LYS B 166 -20.04 16.44 -6.11
CA LYS B 166 -20.96 17.07 -7.05
C LYS B 166 -20.57 16.74 -8.49
N LEU B 167 -19.27 16.71 -8.77
CA LEU B 167 -18.81 16.40 -10.12
C LEU B 167 -18.55 14.91 -10.35
N ASN B 168 -18.74 14.06 -9.31
CA ASN B 168 -18.57 12.61 -9.45
CA ASN B 168 -18.57 12.60 -9.42
C ASN B 168 -17.17 12.24 -9.95
N VAL B 169 -16.15 12.81 -9.33
CA VAL B 169 -14.78 12.47 -9.64
C VAL B 169 -14.07 12.08 -8.37
N CYS B 170 -12.86 11.59 -8.55
CA CYS B 170 -12.12 11.08 -7.42
C CYS B 170 -11.72 12.24 -6.54
N PRO B 171 -11.95 12.17 -5.22
CA PRO B 171 -11.72 13.35 -4.36
C PRO B 171 -10.33 13.96 -4.48
N ARG B 172 -9.29 13.15 -4.60
CA ARG B 172 -7.95 13.71 -4.68
C ARG B 172 -7.73 14.47 -5.99
N ASP B 173 -8.53 14.19 -7.01
CA ASP B 173 -8.37 14.87 -8.29
C ASP B 173 -8.87 16.31 -8.24
N VAL B 174 -9.56 16.70 -7.19
CA VAL B 174 -9.91 18.10 -6.99
C VAL B 174 -8.78 18.75 -6.21
N ASN B 175 -8.31 19.89 -6.70
CA ASN B 175 -7.26 20.59 -5.99
C ASN B 175 -7.76 21.98 -5.58
N ALA B 176 -7.39 22.38 -4.37
CA ALA B 176 -7.89 23.63 -3.83
C ALA B 176 -6.92 24.12 -2.75
N LEU B 177 -6.90 25.43 -2.58
CA LEU B 177 -6.05 26.11 -1.62
C LEU B 177 -6.94 26.90 -0.67
N ILE B 178 -6.70 26.74 0.63
CA ILE B 178 -7.35 27.52 1.68
C ILE B 178 -6.26 28.09 2.57
N VAL B 179 -6.16 29.41 2.66
CA VAL B 179 -5.00 30.03 3.28
C VAL B 179 -5.44 31.01 4.35
N GLY B 180 -4.44 31.67 4.93
CA GLY B 180 -4.67 32.67 5.94
C GLY B 180 -4.62 32.15 7.36
N ALA B 181 -5.67 31.45 7.76
CA ALA B 181 -5.72 30.97 9.13
C ALA B 181 -6.68 29.81 9.18
N HIS B 182 -6.44 28.92 10.13
CA HIS B 182 -7.39 27.85 10.41
C HIS B 182 -8.50 28.42 11.27
N GLY B 183 -9.73 28.20 10.87
CA GLY B 183 -10.80 28.76 11.67
C GLY B 183 -11.74 29.57 10.82
N ASN B 184 -12.56 30.37 11.48
CA ASN B 184 -13.66 30.99 10.76
C ASN B 184 -13.20 32.02 9.72
N LYS B 185 -11.99 32.59 9.85
CA LYS B 185 -11.50 33.57 8.87
C LYS B 185 -10.70 32.93 7.73
N MET B 186 -10.78 31.60 7.57
CA MET B 186 -10.03 30.93 6.50
C MET B 186 -10.40 31.48 5.14
N VAL B 187 -9.42 31.60 4.26
CA VAL B 187 -9.58 32.23 2.95
C VAL B 187 -9.75 31.15 1.90
N LEU B 188 -10.95 31.05 1.35
CA LEU B 188 -11.28 30.06 0.33
C LEU B 188 -11.07 30.66 -1.05
N LEU B 189 -10.07 30.17 -1.78
CA LEU B 189 -9.60 30.79 -3.01
C LEU B 189 -10.26 30.14 -4.23
N LYS B 190 -11.48 30.61 -4.53
CA LYS B 190 -12.28 30.07 -5.64
C LYS B 190 -11.52 30.06 -6.95
N ARG B 191 -10.68 31.08 -7.16
CA ARG B 191 -9.88 31.20 -8.37
C ARG B 191 -8.88 30.06 -8.54
N TYR B 192 -8.49 29.40 -7.45
CA TYR B 192 -7.44 28.38 -7.46
C TYR B 192 -7.97 26.94 -7.47
N ILE B 193 -9.28 26.74 -7.62
CA ILE B 193 -9.82 25.39 -7.57
C ILE B 193 -9.66 24.74 -8.93
N THR B 194 -9.08 23.54 -8.95
CA THR B 194 -9.00 22.75 -10.19
C THR B 194 -9.59 21.37 -9.95
N VAL B 195 -10.00 20.75 -11.04
CA VAL B 195 -10.53 19.39 -11.05
C VAL B 195 -9.74 18.62 -12.10
N GLY B 196 -8.97 17.62 -11.66
CA GLY B 196 -8.08 16.94 -12.57
C GLY B 196 -7.15 17.87 -13.31
N GLY B 197 -6.76 18.99 -12.68
CA GLY B 197 -5.93 20.01 -13.30
C GLY B 197 -6.65 21.04 -14.15
N ILE B 198 -7.97 20.90 -14.32
CA ILE B 198 -8.82 21.77 -15.13
C ILE B 198 -9.43 22.84 -14.24
N PRO B 199 -9.48 24.12 -14.65
CA PRO B 199 -10.07 25.15 -13.78
C PRO B 199 -11.55 24.87 -13.49
N LEU B 200 -11.92 25.10 -12.23
CA LEU B 200 -13.32 24.87 -11.84
C LEU B 200 -14.28 25.64 -12.73
N GLN B 201 -13.88 26.84 -13.20
CA GLN B 201 -14.78 27.67 -13.97
C GLN B 201 -15.30 26.95 -15.21
N GLU B 202 -14.49 26.06 -15.80
CA GLU B 202 -14.96 25.32 -16.98
C GLU B 202 -16.14 24.42 -16.65
N PHE B 203 -16.22 23.92 -15.41
CA PHE B 203 -17.36 23.09 -15.01
C PHE B 203 -18.58 23.93 -14.66
N ILE B 204 -18.37 25.15 -14.19
CA ILE B 204 -19.49 26.07 -14.04
C ILE B 204 -20.07 26.41 -15.40
N ASN B 205 -19.20 26.73 -16.37
CA ASN B 205 -19.65 27.07 -17.72
C ASN B 205 -20.41 25.92 -18.37
N ASN B 206 -19.99 24.69 -18.11
CA ASN B 206 -20.67 23.50 -18.62
C ASN B 206 -21.91 23.18 -17.83
N LYS B 207 -22.21 23.96 -16.80
CA LYS B 207 -23.41 23.77 -16.00
C LYS B 207 -23.39 22.43 -15.27
N LYS B 208 -22.21 21.85 -15.11
CA LYS B 208 -22.02 20.66 -14.29
C LYS B 208 -21.99 21.00 -12.82
N ILE B 209 -21.86 22.29 -12.49
CA ILE B 209 -21.98 22.81 -11.13
C ILE B 209 -22.22 24.30 -11.23
N THR B 210 -23.06 24.84 -10.32
CA THR B 210 -23.39 26.26 -10.33
C THR B 210 -22.62 27.02 -9.25
N ASP B 211 -22.50 28.34 -9.48
CA ASP B 211 -21.85 29.21 -8.51
C ASP B 211 -22.56 29.18 -7.17
N GLU B 212 -23.88 29.02 -7.16
CA GLU B 212 -24.59 28.90 -5.90
C GLU B 212 -24.15 27.63 -5.17
N GLU B 213 -24.07 26.52 -5.89
CA GLU B 213 -23.62 25.27 -5.26
C GLU B 213 -22.20 25.38 -4.74
N VAL B 214 -21.30 26.06 -5.49
CA VAL B 214 -19.95 26.25 -5.00
C VAL B 214 -19.96 27.08 -3.74
N GLU B 215 -20.82 28.09 -3.69
CA GLU B 215 -20.84 28.92 -2.49
C GLU B 215 -21.47 28.18 -1.34
N GLY B 216 -22.45 27.31 -1.60
CA GLY B 216 -22.93 26.42 -0.56
C GLY B 216 -21.82 25.54 -0.02
N ILE B 217 -20.99 25.00 -0.92
CA ILE B 217 -19.88 24.17 -0.49
C ILE B 217 -18.90 24.97 0.35
N PHE B 218 -18.71 26.25 0.00
CA PHE B 218 -17.82 27.11 0.79
C PHE B 218 -18.33 27.26 2.22
N ASP B 219 -19.63 27.55 2.38
CA ASP B 219 -20.15 27.67 3.74
C ASP B 219 -20.04 26.34 4.45
N ARG B 220 -20.36 25.24 3.76
CA ARG B 220 -20.25 23.94 4.38
C ARG B 220 -18.84 23.67 4.85
N THR B 221 -17.83 24.01 4.03
CA THR B 221 -16.45 23.83 4.46
C THR B 221 -16.15 24.65 5.72
N VAL B 222 -16.47 25.95 5.70
CA VAL B 222 -16.17 26.83 6.83
C VAL B 222 -16.79 26.29 8.11
N ASN B 223 -17.97 25.66 8.01
CA ASN B 223 -18.73 25.20 9.18
C ASN B 223 -18.65 23.68 9.40
N THR B 224 -17.71 22.99 8.75
CA THR B 224 -17.72 21.53 8.90
C THR B 224 -17.38 21.09 10.32
N ALA B 225 -16.41 21.73 10.97
CA ALA B 225 -16.09 21.38 12.36
C ALA B 225 -17.31 21.50 13.26
N LEU B 226 -18.07 22.59 13.12
CA LEU B 226 -19.20 22.76 14.04
C LEU B 226 -20.37 21.86 13.66
N GLU B 227 -20.55 21.58 12.37
CA GLU B 227 -21.57 20.62 11.94
C GLU B 227 -21.36 19.27 12.59
N ILE B 228 -20.10 18.80 12.64
CA ILE B 228 -19.81 17.48 13.17
C ILE B 228 -19.89 17.48 14.69
N VAL B 229 -19.42 18.55 15.33
CA VAL B 229 -19.52 18.68 16.78
C VAL B 229 -20.97 18.55 17.24
N ASN B 230 -21.91 19.10 16.46
CA ASN B 230 -23.32 19.01 16.81
C ASN B 230 -23.89 17.61 16.66
N LEU B 231 -23.36 16.79 15.74
CA LEU B 231 -23.82 15.41 15.61
C LEU B 231 -23.06 14.43 16.48
N LEU B 232 -21.98 14.85 17.12
CA LEU B 232 -21.03 13.87 17.61
C LEU B 232 -20.06 14.50 18.59
N ALA B 233 -18.90 14.85 18.10
CA ALA B 233 -17.90 15.55 18.87
C ALA B 233 -17.00 16.28 17.86
N SER B 234 -15.89 16.80 18.34
CA SER B 234 -14.93 17.40 17.43
C SER B 234 -14.36 16.34 16.49
N PRO B 235 -14.08 16.69 15.24
CA PRO B 235 -13.64 15.70 14.25
C PRO B 235 -12.27 15.12 14.58
N TYR B 236 -12.09 13.83 14.29
CA TYR B 236 -10.81 13.24 14.59
C TYR B 236 -10.22 12.39 13.48
N VAL B 237 -11.04 11.71 12.68
CA VAL B 237 -10.50 10.84 11.62
C VAL B 237 -9.74 11.67 10.58
N ALA B 238 -10.42 12.64 9.95
CA ALA B 238 -9.77 13.44 8.92
C ALA B 238 -8.60 14.30 9.43
N PRO B 239 -8.71 15.00 10.58
CA PRO B 239 -7.51 15.71 11.08
C PRO B 239 -6.33 14.78 11.22
N ALA B 240 -6.56 13.56 11.73
CA ALA B 240 -5.46 12.61 11.93
C ALA B 240 -4.86 12.17 10.60
N ALA B 241 -5.68 11.88 9.60
CA ALA B 241 -5.11 11.55 8.30
C ALA B 241 -4.33 12.73 7.73
N ALA B 242 -4.79 13.98 7.98
CA ALA B 242 -4.05 15.16 7.50
C ALA B 242 -2.72 15.33 8.20
N ILE B 243 -2.68 15.15 9.53
CA ILE B 243 -1.41 15.26 10.27
C ILE B 243 -0.43 14.18 9.78
N ILE B 244 -0.92 12.96 9.55
CA ILE B 244 -0.04 11.89 9.08
C ILE B 244 0.40 12.13 7.65
N GLU B 245 -0.44 12.75 6.80
CA GLU B 245 0.05 13.11 5.47
C GLU B 245 1.22 14.07 5.58
N MET B 246 1.08 15.11 6.41
CA MET B 246 2.18 16.06 6.62
C MET B 246 3.39 15.37 7.24
N ALA B 247 3.16 14.51 8.23
CA ALA B 247 4.26 13.86 8.93
C ALA B 247 4.97 12.86 8.02
N GLU B 248 4.21 12.11 7.20
CA GLU B 248 4.82 11.20 6.25
C GLU B 248 5.65 11.94 5.20
N SER B 249 5.20 13.13 4.78
CA SER B 249 5.98 13.90 3.82
C SER B 249 7.34 14.26 4.39
N TYR B 250 7.40 14.50 5.70
CA TYR B 250 8.68 14.78 6.34
C TYR B 250 9.55 13.53 6.38
N LEU B 251 8.98 12.44 6.91
CA LEU B 251 9.76 11.24 7.19
C LEU B 251 10.26 10.56 5.92
N LYS B 252 9.54 10.65 4.80
CA LYS B 252 9.97 9.98 3.59
C LYS B 252 10.54 10.92 2.53
N ASP B 253 10.76 12.20 2.88
CA ASP B 253 11.33 13.20 1.98
C ASP B 253 10.57 13.23 0.66
N ILE B 254 9.25 13.35 0.75
CA ILE B 254 8.40 13.35 -0.43
C ILE B 254 8.30 14.72 -1.08
N LYS B 255 8.55 15.80 -0.33
CA LYS B 255 8.47 17.18 -0.87
C LYS B 255 7.09 17.49 -1.41
N LYS B 256 6.06 17.10 -0.68
CA LYS B 256 4.70 17.43 -1.06
C LYS B 256 4.42 18.91 -0.81
N VAL B 257 3.60 19.50 -1.68
CA VAL B 257 3.13 20.87 -1.51
C VAL B 257 1.88 20.83 -0.66
N LEU B 258 1.99 21.26 0.58
CA LEU B 258 0.87 21.17 1.51
C LEU B 258 0.65 22.55 2.10
N VAL B 259 -0.62 22.91 2.30
CA VAL B 259 -0.95 24.20 2.88
C VAL B 259 -0.90 24.01 4.39
N CYS B 260 0.03 24.72 5.05
CA CYS B 260 0.23 24.57 6.49
C CYS B 260 0.53 25.93 7.10
N SER B 261 0.44 25.99 8.42
CA SER B 261 0.61 27.24 9.15
C SER B 261 2.10 27.44 9.44
N THR B 262 2.68 28.49 8.90
CA THR B 262 4.10 28.69 9.04
C THR B 262 4.40 30.14 9.39
N LEU B 263 5.65 30.39 9.80
CA LEU B 263 6.08 31.72 10.18
C LEU B 263 6.13 32.60 8.94
N LEU B 264 5.48 33.76 9.01
CA LEU B 264 5.53 34.74 7.92
C LEU B 264 6.62 35.75 8.18
N GLU B 265 7.51 35.93 7.20
CA GLU B 265 8.59 36.91 7.33
C GLU B 265 8.46 37.90 6.19
N GLY B 266 7.24 38.40 5.98
CA GLY B 266 7.00 39.37 4.93
C GLY B 266 5.92 38.99 3.94
N GLN B 267 5.77 37.70 3.65
CA GLN B 267 4.82 37.30 2.62
C GLN B 267 3.44 37.85 2.92
N TYR B 268 2.70 38.20 1.86
CA TYR B 268 1.35 38.76 1.94
C TYR B 268 1.32 40.08 2.70
N GLY B 269 2.49 40.64 2.99
CA GLY B 269 2.59 41.87 3.73
C GLY B 269 2.54 41.71 5.22
N HIS B 270 2.87 40.53 5.74
CA HIS B 270 2.75 40.24 7.16
C HIS B 270 4.04 39.64 7.70
N SER B 271 4.32 39.98 8.96
CA SER B 271 5.57 39.53 9.56
C SER B 271 5.34 39.22 11.02
N ASN B 272 6.24 38.42 11.58
CA ASN B 272 6.20 38.07 12.99
C ASN B 272 4.83 37.52 13.39
N ILE B 273 4.27 36.65 12.53
CA ILE B 273 3.00 35.99 12.78
C ILE B 273 3.03 34.69 11.98
N PHE B 274 2.25 33.71 12.41
CA PHE B 274 2.10 32.47 11.66
C PHE B 274 0.78 32.53 10.89
N GLY B 275 0.79 31.97 9.69
CA GLY B 275 -0.38 31.94 8.85
C GLY B 275 -0.32 30.80 7.87
N GLY B 276 -1.49 30.42 7.38
CA GLY B 276 -1.59 29.30 6.45
C GLY B 276 -1.26 29.69 5.03
N THR B 277 -0.33 28.95 4.42
CA THR B 277 0.11 29.18 3.06
C THR B 277 0.68 27.88 2.51
N PRO B 278 0.63 27.66 1.20
CA PRO B 278 1.26 26.45 0.64
C PRO B 278 2.77 26.42 0.92
N LEU B 279 3.26 25.27 1.38
CA LEU B 279 4.68 25.05 1.60
C LEU B 279 5.02 23.62 1.16
N VAL B 280 6.33 23.38 1.02
CA VAL B 280 6.88 22.07 0.63
C VAL B 280 7.55 21.44 1.85
N ILE B 281 7.05 20.26 2.26
CA ILE B 281 7.61 19.53 3.39
C ILE B 281 8.49 18.39 2.88
N GLY B 282 9.76 18.46 3.23
CA GLY B 282 10.68 17.40 2.86
C GLY B 282 11.52 16.93 4.02
N GLY B 283 12.61 16.20 3.71
CA GLY B 283 13.43 15.59 4.74
C GLY B 283 14.07 16.57 5.72
N THR B 284 14.26 17.82 5.31
CA THR B 284 14.81 18.83 6.22
C THR B 284 13.73 19.65 6.91
N GLY B 285 12.46 19.37 6.66
CA GLY B 285 11.40 20.17 7.22
C GLY B 285 10.74 20.99 6.12
N VAL B 286 10.29 22.20 6.46
CA VAL B 286 9.80 23.13 5.46
C VAL B 286 10.91 23.53 4.51
N GLU B 287 10.79 23.16 3.24
CA GLU B 287 11.83 23.49 2.27
C GLU B 287 11.49 24.71 1.39
N GLN B 288 10.21 25.02 1.18
CA GLN B 288 9.80 26.25 0.52
C GLN B 288 8.56 26.79 1.20
N VAL B 289 8.48 28.11 1.26
CA VAL B 289 7.26 28.80 1.62
C VAL B 289 6.81 29.52 0.36
N ILE B 290 5.65 29.15 -0.15
CA ILE B 290 5.20 29.61 -1.45
C ILE B 290 4.20 30.71 -1.24
N GLU B 291 4.57 31.92 -1.67
CA GLU B 291 3.68 33.07 -1.54
C GLU B 291 2.79 33.10 -2.78
N LEU B 292 1.50 32.86 -2.59
CA LEU B 292 0.55 32.99 -3.69
C LEU B 292 0.44 34.43 -4.16
N GLN B 293 0.29 34.59 -5.46
CA GLN B 293 0.14 35.92 -6.05
C GLN B 293 -1.35 36.25 -6.00
N LEU B 294 -1.80 36.65 -4.81
CA LEU B 294 -3.20 36.98 -4.59
C LEU B 294 -3.53 38.35 -5.13
N ASN B 295 -4.75 38.49 -5.64
CA ASN B 295 -5.26 39.80 -6.05
C ASN B 295 -5.67 40.58 -4.80
N ALA B 296 -6.16 41.81 -5.00
CA ALA B 296 -6.36 42.72 -3.89
C ALA B 296 -7.45 42.23 -2.95
N GLU B 297 -8.50 41.62 -3.51
CA GLU B 297 -9.60 41.18 -2.66
C GLU B 297 -9.20 39.95 -1.84
N GLU B 298 -8.46 39.02 -2.43
CA GLU B 298 -7.95 37.88 -1.65
C GLU B 298 -6.97 38.37 -0.60
N LYS B 299 -6.11 39.33 -0.98
CA LYS B 299 -5.14 39.90 -0.04
C LYS B 299 -5.85 40.59 1.10
N THR B 300 -7.02 41.17 0.83
CA THR B 300 -7.85 41.76 1.90
C THR B 300 -8.41 40.69 2.85
N LYS B 301 -8.92 39.58 2.29
CA LYS B 301 -9.46 38.51 3.15
C LYS B 301 -8.35 37.80 3.93
N PHE B 302 -7.15 37.69 3.35
CA PHE B 302 -5.97 37.20 4.06
C PHE B 302 -5.62 38.09 5.24
N ASP B 303 -5.64 39.40 5.04
CA ASP B 303 -5.38 40.34 6.13
C ASP B 303 -6.38 40.17 7.26
N GLU B 304 -7.65 39.85 6.94
CA GLU B 304 -8.62 39.64 8.00
C GLU B 304 -8.29 38.39 8.82
N ALA B 305 -7.78 37.34 8.16
CA ALA B 305 -7.43 36.12 8.87
C ALA B 305 -6.26 36.36 9.83
N VAL B 306 -5.18 36.98 9.32
CA VAL B 306 -4.05 37.26 10.19
C VAL B 306 -4.44 38.26 11.28
N ALA B 307 -5.28 39.24 10.94
CA ALA B 307 -5.67 40.21 11.96
C ALA B 307 -6.35 39.51 13.14
N GLU B 308 -7.19 38.51 12.84
CA GLU B 308 -7.86 37.79 13.90
C GLU B 308 -6.90 36.88 14.65
N THR B 309 -5.87 36.38 13.97
CA THR B 309 -4.81 35.65 14.66
C THR B 309 -4.09 36.54 15.66
N LYS B 310 -3.86 37.82 15.33
CA LYS B 310 -3.15 38.65 16.29
C LYS B 310 -4.03 39.16 17.44
N ARG B 311 -5.31 39.42 17.19
CA ARG B 311 -6.23 39.71 18.28
C ARG B 311 -6.27 38.56 19.26
N MET B 312 -6.33 37.30 18.81
CA MET B 312 -6.33 36.24 19.81
C MET B 312 -4.99 36.16 20.52
N LYS B 313 -3.88 36.46 19.82
CA LYS B 313 -2.55 36.39 20.42
C LYS B 313 -2.34 37.46 21.48
N ALA B 314 -3.04 38.59 21.38
CA ALA B 314 -2.92 39.62 22.40
C ALA B 314 -3.66 39.27 23.69
N LEU B 315 -4.46 38.20 23.69
CA LEU B 315 -5.26 37.83 24.85
C LEU B 315 -4.61 36.73 25.68
N ILE B 316 -3.36 36.37 25.40
CA ILE B 316 -2.70 35.29 26.14
C ILE B 316 -2.00 35.91 27.34
N PRO C 3 19.21 12.19 3.73
CA PRO C 3 17.80 12.26 4.15
C PRO C 3 17.02 11.00 3.79
N LYS C 4 16.97 10.73 2.50
CA LYS C 4 16.37 9.63 1.78
C LYS C 4 17.44 8.59 1.43
N PRO C 5 17.19 7.30 1.64
CA PRO C 5 18.27 6.31 1.47
C PRO C 5 18.70 6.17 0.03
N LYS C 6 19.97 5.81 -0.15
CA LYS C 6 20.58 5.64 -1.46
C LYS C 6 20.80 4.16 -1.74
N ILE C 7 20.10 3.65 -2.73
CA ILE C 7 20.15 2.25 -3.11
C ILE C 7 20.89 2.18 -4.43
N VAL C 8 22.03 1.49 -4.45
CA VAL C 8 22.82 1.38 -5.68
C VAL C 8 22.66 -0.03 -6.19
N LEU C 9 22.16 -0.17 -7.41
CA LEU C 9 22.07 -1.46 -8.07
C LEU C 9 23.33 -1.67 -8.90
N VAL C 10 24.28 -2.48 -8.38
CA VAL C 10 25.47 -2.81 -9.18
C VAL C 10 25.13 -3.95 -10.14
N GLY C 11 24.71 -3.58 -11.36
CA GLY C 11 24.12 -4.50 -12.32
C GLY C 11 22.71 -4.05 -12.69
N SER C 12 22.48 -3.74 -13.96
CA SER C 12 21.23 -3.15 -14.42
C SER C 12 20.57 -4.00 -15.50
N GLY C 13 20.70 -5.32 -15.38
CA GLY C 13 19.98 -6.21 -16.28
C GLY C 13 18.51 -6.28 -15.93
N MET C 14 17.87 -7.38 -16.30
CA MET C 14 16.44 -7.50 -16.11
C MET C 14 16.08 -7.54 -14.63
N ILE C 15 16.97 -8.07 -13.80
CA ILE C 15 16.70 -8.09 -12.36
C ILE C 15 16.77 -6.68 -11.80
N GLY C 16 17.83 -5.94 -12.16
CA GLY C 16 17.94 -4.55 -11.71
C GLY C 16 16.80 -3.69 -12.21
N GLY C 17 16.38 -3.91 -13.45
CA GLY C 17 15.22 -3.20 -13.97
C GLY C 17 13.98 -3.35 -13.10
N VAL C 18 13.64 -4.60 -12.76
CA VAL C 18 12.48 -4.82 -11.91
C VAL C 18 12.75 -4.31 -10.49
N MET C 19 14.00 -4.39 -10.02
CA MET C 19 14.35 -3.83 -8.70
C MET C 19 14.09 -2.32 -8.67
N ALA C 20 14.54 -1.59 -9.69
CA ALA C 20 14.30 -0.15 -9.71
C ALA C 20 12.81 0.17 -9.73
N THR C 21 12.05 -0.56 -10.56
CA THR C 21 10.60 -0.39 -10.62
C THR C 21 9.97 -0.57 -9.24
N LEU C 22 10.32 -1.64 -8.53
CA LEU C 22 9.69 -1.89 -7.23
C LEU C 22 10.15 -0.89 -6.18
N ILE C 23 11.39 -0.40 -6.28
CA ILE C 23 11.87 0.62 -5.35
C ILE C 23 11.05 1.90 -5.48
N VAL C 24 10.80 2.34 -6.72
CA VAL C 24 9.93 3.50 -6.94
C VAL C 24 8.51 3.23 -6.45
N GLN C 25 7.96 2.04 -6.76
CA GLN C 25 6.59 1.71 -6.32
C GLN C 25 6.41 1.84 -4.82
N LYS C 26 7.41 1.45 -4.04
CA LYS C 26 7.34 1.48 -2.59
C LYS C 26 7.96 2.74 -1.99
N ASN C 27 8.42 3.67 -2.83
CA ASN C 27 9.01 4.93 -2.36
C ASN C 27 10.17 4.69 -1.39
N LEU C 28 11.02 3.69 -1.70
CA LEU C 28 12.00 3.21 -0.72
C LEU C 28 13.27 4.04 -0.68
N GLY C 29 13.69 4.65 -1.79
CA GLY C 29 14.88 5.48 -1.74
C GLY C 29 15.33 5.87 -3.13
N ASP C 30 16.34 6.74 -3.15
CA ASP C 30 16.91 7.08 -4.43
C ASP C 30 17.71 5.89 -4.96
N VAL C 31 17.71 5.74 -6.29
CA VAL C 31 18.29 4.59 -6.97
C VAL C 31 19.36 5.06 -7.94
N VAL C 32 20.53 4.41 -7.89
CA VAL C 32 21.52 4.49 -8.96
C VAL C 32 21.54 3.15 -9.66
N MET C 33 21.30 3.16 -10.97
CA MET C 33 21.37 1.96 -11.79
C MET C 33 22.75 1.92 -12.44
N PHE C 34 23.65 1.11 -11.89
CA PHE C 34 24.97 0.94 -12.45
C PHE C 34 25.03 -0.27 -13.38
N ASP C 35 25.86 -0.15 -14.41
CA ASP C 35 26.20 -1.27 -15.25
C ASP C 35 27.47 -0.91 -15.98
N VAL C 36 28.14 -1.93 -16.53
CA VAL C 36 29.31 -1.68 -17.35
C VAL C 36 28.93 -1.41 -18.81
N VAL C 37 27.75 -1.88 -19.25
CA VAL C 37 27.23 -1.54 -20.57
C VAL C 37 26.87 -0.06 -20.59
N LYS C 38 27.08 0.61 -21.74
CA LYS C 38 27.18 2.07 -21.64
C LYS C 38 25.84 2.81 -21.72
N ASN C 39 24.85 2.42 -22.50
CA ASN C 39 23.68 3.30 -22.44
C ASN C 39 22.53 2.73 -21.62
N MET C 40 22.50 1.41 -21.49
CA MET C 40 21.40 0.69 -20.85
C MET C 40 20.93 1.27 -19.52
N PRO C 41 21.77 1.54 -18.53
CA PRO C 41 21.20 1.99 -17.25
C PRO C 41 20.55 3.37 -17.34
N GLN C 42 21.17 4.31 -18.06
CA GLN C 42 20.59 5.65 -18.18
C GLN C 42 19.27 5.61 -18.93
N GLY C 43 19.16 4.73 -19.92
CA GLY C 43 17.86 4.51 -20.56
C GLY C 43 16.83 3.97 -19.58
N LYS C 44 17.20 2.94 -18.81
CA LYS C 44 16.26 2.36 -17.86
C LYS C 44 15.90 3.36 -16.77
N ALA C 45 16.90 4.12 -16.28
CA ALA C 45 16.63 5.05 -15.18
C ALA C 45 15.67 6.15 -15.61
N LEU C 46 15.83 6.67 -16.83
CA LEU C 46 14.95 7.71 -17.35
C LEU C 46 13.50 7.21 -17.47
N ASP C 47 13.32 6.08 -18.16
CA ASP C 47 12.01 5.44 -18.23
C ASP C 47 11.42 5.27 -16.83
N THR C 48 12.21 4.75 -15.88
CA THR C 48 11.69 4.43 -14.56
C THR C 48 11.40 5.68 -13.74
N SER C 49 12.21 6.72 -13.90
CA SER C 49 11.97 7.97 -13.18
C SER C 49 10.55 8.45 -13.38
N HIS C 50 10.05 8.35 -14.61
CA HIS C 50 8.72 8.86 -14.93
C HIS C 50 7.64 8.15 -14.12
N SER C 51 7.83 6.89 -13.76
CA SER C 51 6.80 6.17 -13.01
C SER C 51 6.59 6.70 -11.59
N ASN C 52 7.45 7.61 -11.09
CA ASN C 52 7.16 8.30 -9.84
C ASN C 52 5.79 8.97 -9.86
N VAL C 53 5.37 9.47 -11.02
CA VAL C 53 4.07 10.15 -11.10
C VAL C 53 2.95 9.17 -10.79
N MET C 54 2.95 8.01 -11.45
CA MET C 54 1.87 7.04 -11.29
C MET C 54 1.84 6.43 -9.89
N ALA C 55 2.99 6.40 -9.20
CA ALA C 55 3.14 5.73 -7.92
C ALA C 55 3.07 6.67 -6.71
N TYR C 56 2.94 7.98 -6.92
CA TYR C 56 2.95 8.97 -5.84
C TYR C 56 4.24 8.95 -5.02
N SER C 57 5.37 8.77 -5.67
CA SER C 57 6.65 8.68 -4.98
C SER C 57 7.55 9.83 -5.37
N ASN C 58 8.67 9.94 -4.66
CA ASN C 58 9.68 10.91 -5.00
C ASN C 58 11.06 10.28 -4.84
N CYS C 59 11.29 9.23 -5.61
CA CYS C 59 12.59 8.56 -5.64
C CYS C 59 13.33 8.99 -6.90
N LYS C 60 14.55 9.49 -6.75
CA LYS C 60 15.36 9.81 -7.90
C LYS C 60 15.92 8.51 -8.46
N VAL C 61 15.93 8.38 -9.78
CA VAL C 61 16.46 7.19 -10.45
C VAL C 61 17.40 7.66 -11.56
N THR C 62 18.70 7.49 -11.35
CA THR C 62 19.67 7.87 -12.37
C THR C 62 20.53 6.67 -12.73
N GLY C 63 21.06 6.69 -13.96
CA GLY C 63 21.91 5.64 -14.47
C GLY C 63 23.38 6.02 -14.46
N SER C 64 24.24 5.00 -14.46
CA SER C 64 25.66 5.29 -14.31
C SER C 64 26.53 4.16 -14.87
N ASN C 65 27.72 4.55 -15.31
CA ASN C 65 28.80 3.65 -15.69
C ASN C 65 30.08 3.95 -14.93
N SER C 66 29.95 4.52 -13.75
CA SER C 66 31.12 4.88 -12.96
C SER C 66 30.93 4.27 -11.59
N TYR C 67 31.88 3.42 -11.18
CA TYR C 67 31.82 2.88 -9.84
C TYR C 67 31.86 3.95 -8.77
N ASP C 68 32.23 5.18 -9.11
CA ASP C 68 32.28 6.25 -8.12
C ASP C 68 30.91 6.67 -7.62
N ASP C 69 29.84 6.25 -8.28
CA ASP C 69 28.51 6.60 -7.81
C ASP C 69 28.05 5.73 -6.64
N LEU C 70 28.89 4.79 -6.19
CA LEU C 70 28.65 4.06 -4.95
C LEU C 70 28.85 4.95 -3.73
N LYS C 71 29.41 6.16 -3.89
CA LYS C 71 29.73 6.98 -2.72
C LYS C 71 28.47 7.29 -1.94
N GLY C 72 28.51 7.04 -0.64
CA GLY C 72 27.39 7.29 0.24
C GLY C 72 26.22 6.35 0.08
N ALA C 73 26.42 5.23 -0.61
CA ALA C 73 25.38 4.22 -0.71
C ALA C 73 25.00 3.71 0.67
N ASP C 74 23.72 3.51 0.88
CA ASP C 74 23.23 2.84 2.07
C ASP C 74 22.96 1.37 1.84
N VAL C 75 22.56 0.99 0.62
CA VAL C 75 22.39 -0.38 0.19
C VAL C 75 23.04 -0.56 -1.19
N VAL C 76 23.82 -1.62 -1.33
CA VAL C 76 24.41 -2.00 -2.60
C VAL C 76 23.90 -3.39 -2.95
N ILE C 77 23.41 -3.56 -4.16
CA ILE C 77 22.86 -4.83 -4.61
C ILE C 77 23.62 -5.24 -5.86
N VAL C 78 24.29 -6.39 -5.78
CA VAL C 78 25.25 -6.80 -6.80
C VAL C 78 24.65 -7.94 -7.61
N THR C 79 24.23 -7.62 -8.83
CA THR C 79 23.81 -8.60 -9.82
C THR C 79 24.80 -8.72 -10.97
N ALA C 80 25.85 -7.91 -10.99
CA ALA C 80 26.79 -7.95 -12.10
C ALA C 80 27.56 -9.26 -12.11
N GLY C 81 27.78 -9.80 -13.29
CA GLY C 81 28.63 -10.97 -13.44
C GLY C 81 28.24 -11.77 -14.65
N PHE C 82 29.16 -12.65 -15.04
CA PHE C 82 28.96 -13.50 -16.20
C PHE C 82 27.97 -14.61 -15.90
N THR C 83 27.17 -14.98 -16.90
CA THR C 83 26.29 -16.12 -16.80
C THR C 83 26.50 -17.21 -17.85
N LYS C 84 27.41 -16.96 -18.84
CA LYS C 84 28.08 -17.88 -19.77
C LYS C 84 29.04 -17.12 -20.68
N ALA C 85 29.84 -17.87 -21.47
CA ALA C 85 30.83 -17.42 -22.45
C ALA C 85 31.16 -15.94 -22.36
N ARG C 95 31.22 -24.48 -17.03
CA ARG C 95 30.32 -23.77 -16.12
C ARG C 95 31.05 -23.32 -14.83
N ASP C 96 31.82 -24.23 -14.22
CA ASP C 96 32.78 -23.81 -13.21
C ASP C 96 33.73 -22.76 -13.77
N ASP C 97 33.85 -22.69 -15.10
CA ASP C 97 34.80 -21.84 -15.76
C ASP C 97 34.56 -20.36 -15.47
N LEU C 98 33.35 -19.99 -15.07
CA LEU C 98 33.05 -18.59 -14.83
C LEU C 98 33.57 -18.07 -13.48
N LEU C 99 33.95 -18.97 -12.57
CA LEU C 99 34.23 -18.59 -11.19
C LEU C 99 35.48 -17.72 -11.04
N PRO C 100 36.57 -17.98 -11.77
CA PRO C 100 37.71 -17.05 -11.67
C PRO C 100 37.40 -15.69 -12.27
N LEU C 101 36.57 -15.64 -13.31
CA LEU C 101 36.13 -14.36 -13.87
C LEU C 101 35.30 -13.56 -12.86
N ASN C 102 34.20 -14.13 -12.37
CA ASN C 102 33.39 -13.46 -11.37
C ASN C 102 34.18 -13.19 -10.10
N ASN C 103 35.24 -13.96 -9.85
CA ASN C 103 36.11 -13.61 -8.75
C ASN C 103 36.74 -12.23 -9.01
N LYS C 104 37.15 -11.90 -10.28
CA LYS C 104 37.65 -10.53 -10.37
C LYS C 104 36.61 -9.49 -10.08
N ILE C 105 35.42 -9.68 -10.62
CA ILE C 105 34.41 -8.63 -10.52
C ILE C 105 34.12 -8.32 -9.06
N MET C 106 34.09 -9.35 -8.21
CA MET C 106 33.96 -9.14 -6.77
C MET C 106 35.16 -8.39 -6.19
N ILE C 107 36.38 -8.71 -6.64
CA ILE C 107 37.54 -7.96 -6.13
C ILE C 107 37.40 -6.48 -6.47
N GLU C 108 36.96 -6.19 -7.69
CA GLU C 108 36.79 -4.81 -8.13
C GLU C 108 35.75 -4.11 -7.29
N ILE C 109 34.54 -4.67 -7.23
CA ILE C 109 33.43 -4.06 -6.52
C ILE C 109 33.76 -3.89 -5.04
N GLY C 110 34.34 -4.93 -4.42
CA GLY C 110 34.76 -4.82 -3.03
C GLY C 110 35.74 -3.70 -2.79
N GLY C 111 36.71 -3.54 -3.70
CA GLY C 111 37.62 -2.42 -3.59
C GLY C 111 36.87 -1.10 -3.51
N HIS C 112 35.92 -0.91 -4.42
CA HIS C 112 35.16 0.33 -4.41
C HIS C 112 34.28 0.45 -3.17
N ILE C 113 33.59 -0.65 -2.82
CA ILE C 113 32.76 -0.64 -1.61
C ILE C 113 33.59 -0.22 -0.42
N LYS C 114 34.83 -0.71 -0.37
CA LYS C 114 35.70 -0.39 0.76
C LYS C 114 36.04 1.09 0.82
N ASN C 115 36.10 1.78 -0.34
CA ASN C 115 36.51 3.17 -0.33
C ASN C 115 35.37 4.16 -0.22
N LEU C 116 34.23 3.83 -0.78
CA LEU C 116 33.16 4.78 -0.97
C LEU C 116 31.99 4.59 -0.02
N CYS C 117 31.63 3.35 0.25
CA CYS C 117 30.46 3.06 1.08
C CYS C 117 30.80 1.92 2.01
N PRO C 118 31.88 2.07 2.79
CA PRO C 118 32.27 0.98 3.68
C PRO C 118 31.19 0.63 4.67
N ASN C 119 30.17 1.44 4.77
CA ASN C 119 29.18 1.36 5.82
C ASN C 119 27.81 0.93 5.31
N ALA C 120 27.77 0.46 4.06
CA ALA C 120 26.56 0.07 3.35
C ALA C 120 26.14 -1.35 3.75
N PHE C 121 24.88 -1.66 3.44
CA PHE C 121 24.33 -3.01 3.59
C PHE C 121 24.33 -3.64 2.20
N ILE C 122 25.02 -4.77 2.08
CA ILE C 122 25.32 -5.41 0.80
C ILE C 122 24.46 -6.65 0.64
N ILE C 123 23.80 -6.77 -0.51
CA ILE C 123 23.08 -7.98 -0.91
C ILE C 123 23.70 -8.48 -2.21
N VAL C 124 24.25 -9.70 -2.18
CA VAL C 124 24.88 -10.27 -3.36
C VAL C 124 23.93 -11.25 -4.03
N VAL C 125 23.90 -11.21 -5.36
CA VAL C 125 23.00 -12.09 -6.10
C VAL C 125 23.79 -12.97 -7.07
N THR C 126 24.96 -12.50 -7.50
CA THR C 126 25.77 -13.21 -8.49
C THR C 126 26.01 -14.66 -8.12
N ASN C 127 25.75 -15.57 -9.08
CA ASN C 127 25.80 -16.98 -8.78
C ASN C 127 27.17 -17.59 -9.12
N PRO C 128 27.59 -18.67 -8.41
CA PRO C 128 26.89 -19.31 -7.30
C PRO C 128 26.94 -18.43 -6.03
N VAL C 129 25.78 -18.01 -5.55
CA VAL C 129 25.74 -16.86 -4.64
C VAL C 129 26.52 -17.12 -3.35
N ASP C 130 26.50 -18.36 -2.85
CA ASP C 130 27.18 -18.65 -1.59
C ASP C 130 28.69 -18.53 -1.69
N VAL C 131 29.25 -18.69 -2.89
CA VAL C 131 30.65 -18.37 -3.11
C VAL C 131 30.83 -16.87 -3.29
N MET C 132 30.04 -16.28 -4.18
CA MET C 132 30.23 -14.88 -4.55
C MET C 132 30.07 -13.96 -3.35
N VAL C 133 29.12 -14.25 -2.46
CA VAL C 133 28.91 -13.36 -1.33
C VAL C 133 30.11 -13.39 -0.38
N GLN C 134 30.81 -14.53 -0.28
CA GLN C 134 31.99 -14.61 0.60
C GLN C 134 33.18 -13.88 -0.01
N LEU C 135 33.42 -14.05 -1.31
CA LEU C 135 34.51 -13.34 -1.97
C LEU C 135 34.35 -11.84 -1.78
N LEU C 136 33.15 -11.31 -2.05
CA LEU C 136 32.94 -9.87 -1.87
C LEU C 136 32.96 -9.48 -0.40
N PHE C 137 32.58 -10.39 0.49
CA PHE C 137 32.76 -10.17 1.92
C PHE C 137 34.21 -9.85 2.24
N GLU C 138 35.13 -10.66 1.68
CA GLU C 138 36.54 -10.54 2.04
C GLU C 138 37.21 -9.35 1.38
N HIS C 139 36.84 -9.05 0.14
CA HIS C 139 37.51 -7.97 -0.58
C HIS C 139 36.95 -6.59 -0.24
N SER C 140 35.72 -6.52 0.26
CA SER C 140 35.12 -5.26 0.65
C SER C 140 35.38 -4.91 2.11
N GLY C 141 35.58 -5.92 2.96
CA GLY C 141 35.87 -5.67 4.35
C GLY C 141 34.72 -5.19 5.21
N VAL C 142 33.49 -5.23 4.71
CA VAL C 142 32.32 -4.85 5.51
C VAL C 142 32.09 -5.95 6.56
N PRO C 143 31.49 -5.63 7.70
CA PRO C 143 31.28 -6.63 8.75
C PRO C 143 30.36 -7.78 8.33
N LYS C 144 30.50 -8.88 9.09
CA LYS C 144 29.70 -10.10 8.92
C LYS C 144 28.20 -9.82 8.79
N ASN C 145 27.68 -8.93 9.63
CA ASN C 145 26.26 -8.68 9.69
C ASN C 145 25.80 -7.58 8.71
N LYS C 146 26.64 -7.19 7.76
CA LYS C 146 26.22 -6.20 6.78
C LYS C 146 26.27 -6.74 5.36
N ILE C 147 26.46 -8.05 5.15
CA ILE C 147 26.50 -8.61 3.79
C ILE C 147 25.85 -9.99 3.80
N ILE C 148 24.94 -10.21 2.86
CA ILE C 148 24.17 -11.44 2.74
C ILE C 148 23.97 -11.72 1.26
N GLY C 149 23.54 -12.93 0.94
CA GLY C 149 23.31 -13.32 -0.44
C GLY C 149 21.88 -13.78 -0.63
N LEU C 150 21.31 -13.47 -1.78
CA LEU C 150 19.95 -13.91 -2.08
C LEU C 150 19.92 -15.40 -2.36
N GLY C 151 18.94 -16.08 -1.77
CA GLY C 151 18.81 -17.50 -2.00
C GLY C 151 17.50 -18.06 -1.47
N GLY C 152 17.37 -18.15 -0.14
CA GLY C 152 16.23 -18.83 0.45
C GLY C 152 14.89 -18.18 0.12
N VAL C 153 14.83 -16.85 0.18
CA VAL C 153 13.58 -16.14 -0.10
C VAL C 153 13.10 -16.50 -1.50
N LEU C 154 14.02 -16.57 -2.45
CA LEU C 154 13.67 -16.95 -3.82
C LEU C 154 13.27 -18.42 -3.92
N ASP C 155 14.09 -19.33 -3.41
CA ASP C 155 13.78 -20.75 -3.51
C ASP C 155 12.46 -21.07 -2.80
N THR C 156 12.28 -20.56 -1.58
CA THR C 156 11.06 -20.90 -0.87
C THR C 156 9.84 -20.21 -1.49
N SER C 157 10.02 -19.05 -2.13
CA SER C 157 8.90 -18.41 -2.82
C SER C 157 8.33 -19.31 -3.89
N ARG C 158 9.19 -20.04 -4.61
CA ARG C 158 8.71 -21.04 -5.55
C ARG C 158 8.02 -22.21 -4.82
N LEU C 159 8.68 -22.77 -3.81
CA LEU C 159 8.10 -23.90 -3.07
C LEU C 159 6.79 -23.51 -2.41
N LYS C 160 6.76 -22.35 -1.72
CA LYS C 160 5.53 -21.83 -1.14
C LYS C 160 4.44 -21.69 -2.20
N TYR C 161 4.78 -21.11 -3.35
CA TYR C 161 3.75 -20.88 -4.36
C TYR C 161 3.15 -22.21 -4.87
N TYR C 162 4.01 -23.18 -5.21
CA TYR C 162 3.50 -24.42 -5.80
C TYR C 162 2.60 -25.18 -4.83
N ILE C 163 2.95 -25.18 -3.54
CA ILE C 163 2.07 -25.81 -2.55
C ILE C 163 0.76 -25.05 -2.44
N SER C 164 0.82 -23.72 -2.40
CA SER C 164 -0.41 -22.95 -2.22
C SER C 164 -1.40 -23.18 -3.35
N GLN C 165 -0.92 -23.50 -4.56
CA GLN C 165 -1.81 -23.75 -5.67
C GLN C 165 -2.44 -25.13 -5.58
N LYS C 166 -1.75 -26.08 -4.98
CA LYS C 166 -2.32 -27.40 -4.81
C LYS C 166 -3.40 -27.41 -3.73
N LEU C 167 -3.18 -26.68 -2.63
CA LEU C 167 -4.12 -26.56 -1.52
C LEU C 167 -5.10 -25.40 -1.65
N ASN C 168 -5.02 -24.58 -2.71
CA ASN C 168 -5.93 -23.45 -2.93
CA ASN C 168 -5.91 -23.43 -2.94
C ASN C 168 -5.97 -22.50 -1.72
N VAL C 169 -4.80 -22.03 -1.31
CA VAL C 169 -4.69 -21.03 -0.25
C VAL C 169 -3.78 -19.90 -0.73
N CYS C 170 -3.74 -18.86 0.07
CA CYS C 170 -2.98 -17.68 -0.31
C CYS C 170 -1.49 -18.00 -0.22
N PRO C 171 -0.71 -17.67 -1.25
CA PRO C 171 0.69 -18.13 -1.29
C PRO C 171 1.51 -17.81 -0.05
N ARG C 172 1.34 -16.62 0.52
CA ARG C 172 2.11 -16.23 1.70
C ARG C 172 1.79 -17.07 2.93
N ASP C 173 0.64 -17.74 2.97
CA ASP C 173 0.26 -18.55 4.12
C ASP C 173 1.02 -19.86 4.20
N VAL C 174 1.74 -20.24 3.15
CA VAL C 174 2.61 -21.41 3.20
C VAL C 174 3.98 -20.95 3.68
N ASN C 175 4.49 -21.62 4.68
CA ASN C 175 5.82 -21.32 5.17
C ASN C 175 6.72 -22.50 4.88
N ALA C 176 7.95 -22.21 4.46
CA ALA C 176 8.86 -23.26 4.06
C ALA C 176 10.26 -22.72 4.23
N LEU C 177 11.17 -23.64 4.51
CA LEU C 177 12.55 -23.38 4.87
C LEU C 177 13.47 -24.12 3.89
N ILE C 178 14.34 -23.41 3.20
CA ILE C 178 15.32 -24.01 2.29
C ILE C 178 16.67 -23.46 2.68
N VAL C 179 17.59 -24.36 3.04
CA VAL C 179 18.82 -23.97 3.71
C VAL C 179 20.01 -24.56 2.97
N GLY C 180 21.20 -24.31 3.51
CA GLY C 180 22.45 -24.83 2.98
C GLY C 180 23.05 -23.94 1.91
N ALA C 181 22.50 -24.03 0.71
CA ALA C 181 23.04 -23.28 -0.41
C ALA C 181 21.95 -23.10 -1.45
N HIS C 182 22.10 -22.02 -2.20
CA HIS C 182 21.24 -21.74 -3.34
C HIS C 182 21.70 -22.58 -4.51
N GLY C 183 20.78 -23.21 -5.21
CA GLY C 183 21.23 -24.01 -6.33
C GLY C 183 20.84 -25.46 -6.18
N ASN C 184 21.50 -26.33 -6.95
CA ASN C 184 21.07 -27.71 -7.07
C ASN C 184 21.19 -28.46 -5.76
N LYS C 185 22.09 -28.04 -4.87
CA LYS C 185 22.26 -28.71 -3.59
C LYS C 185 21.39 -28.11 -2.49
N MET C 186 20.39 -27.31 -2.85
CA MET C 186 19.52 -26.70 -1.85
C MET C 186 18.83 -27.76 -0.98
N VAL C 187 18.67 -27.46 0.30
CA VAL C 187 18.10 -28.41 1.27
C VAL C 187 16.65 -28.06 1.52
N LEU C 188 15.73 -28.90 1.04
CA LEU C 188 14.29 -28.67 1.19
C LEU C 188 13.82 -29.40 2.45
N LEU C 189 13.42 -28.64 3.46
CA LEU C 189 13.13 -29.19 4.78
C LEU C 189 11.64 -29.51 4.93
N LYS C 190 11.26 -30.68 4.40
CA LYS C 190 9.86 -31.13 4.40
C LYS C 190 9.22 -31.09 5.78
N ARG C 191 10.01 -31.34 6.83
CA ARG C 191 9.52 -31.31 8.19
C ARG C 191 9.04 -29.92 8.63
N TYR C 192 9.54 -28.85 7.97
CA TYR C 192 9.32 -27.47 8.43
C TYR C 192 8.22 -26.73 7.65
N ILE C 193 7.50 -27.40 6.76
CA ILE C 193 6.48 -26.74 5.95
C ILE C 193 5.16 -26.67 6.71
N THR C 194 4.58 -25.47 6.78
CA THR C 194 3.27 -25.25 7.37
C THR C 194 2.37 -24.53 6.38
N VAL C 195 1.06 -24.70 6.59
CA VAL C 195 0.02 -24.02 5.81
C VAL C 195 -0.88 -23.34 6.82
N GLY C 196 -0.89 -22.01 6.81
CA GLY C 196 -1.60 -21.27 7.84
C GLY C 196 -1.16 -21.59 9.25
N GLY C 197 0.12 -21.92 9.44
CA GLY C 197 0.63 -22.36 10.72
C GLY C 197 0.43 -23.82 11.05
N ILE C 198 -0.24 -24.57 10.19
CA ILE C 198 -0.55 -26.00 10.40
C ILE C 198 0.46 -26.84 9.72
N PRO C 199 1.03 -27.89 10.36
CA PRO C 199 2.04 -28.74 9.71
C PRO C 199 1.48 -29.37 8.44
N LEU C 200 2.29 -29.33 7.36
CA LEU C 200 1.87 -29.89 6.08
C LEU C 200 1.41 -31.33 6.22
N GLN C 201 2.04 -32.08 7.14
CA GLN C 201 1.70 -33.49 7.28
C GLN C 201 0.22 -33.69 7.56
N GLU C 202 -0.42 -32.73 8.24
CA GLU C 202 -1.86 -32.84 8.48
C GLU C 202 -2.66 -32.79 7.19
N PHE C 203 -2.16 -32.10 6.16
CA PHE C 203 -2.84 -32.04 4.87
C PHE C 203 -2.60 -33.29 4.05
N ILE C 204 -1.42 -33.89 4.20
CA ILE C 204 -1.18 -35.21 3.61
C ILE C 204 -2.08 -36.26 4.27
N ASN C 205 -2.17 -36.26 5.61
CA ASN C 205 -3.05 -37.19 6.31
C ASN C 205 -4.49 -37.01 5.85
N ASN C 206 -4.89 -35.77 5.60
CA ASN C 206 -6.24 -35.44 5.15
C ASN C 206 -6.47 -35.74 3.69
N LYS C 207 -5.46 -36.24 2.99
CA LYS C 207 -5.50 -36.60 1.56
C LYS C 207 -5.77 -35.41 0.66
N LYS C 208 -5.53 -34.20 1.17
CA LYS C 208 -5.61 -33.01 0.36
C LYS C 208 -4.34 -32.79 -0.46
N ILE C 209 -3.28 -33.53 -0.18
CA ILE C 209 -2.08 -33.55 -1.03
C ILE C 209 -1.28 -34.79 -0.64
N THR C 210 -0.68 -35.43 -1.65
CA THR C 210 0.05 -36.68 -1.50
C THR C 210 1.54 -36.44 -1.43
N ASP C 211 2.25 -37.43 -0.87
CA ASP C 211 3.70 -37.36 -0.76
C ASP C 211 4.37 -37.33 -2.12
N GLU C 212 3.79 -38.01 -3.13
CA GLU C 212 4.35 -37.93 -4.48
C GLU C 212 4.27 -36.51 -5.00
N GLU C 213 3.12 -35.87 -4.80
CA GLU C 213 2.96 -34.48 -5.22
C GLU C 213 3.94 -33.57 -4.49
N VAL C 214 4.20 -33.84 -3.20
CA VAL C 214 5.17 -33.02 -2.46
C VAL C 214 6.57 -33.21 -3.01
N GLU C 215 6.93 -34.44 -3.37
CA GLU C 215 8.27 -34.64 -3.91
C GLU C 215 8.37 -34.14 -5.34
N GLY C 216 7.27 -34.23 -6.08
CA GLY C 216 7.23 -33.59 -7.38
C GLY C 216 7.46 -32.09 -7.29
N ILE C 217 6.77 -31.45 -6.33
CA ILE C 217 6.91 -30.01 -6.13
C ILE C 217 8.33 -29.67 -5.72
N PHE C 218 8.97 -30.53 -4.92
CA PHE C 218 10.38 -30.31 -4.57
C PHE C 218 11.25 -30.29 -5.82
N ASP C 219 11.05 -31.28 -6.71
CA ASP C 219 11.83 -31.34 -7.94
C ASP C 219 11.55 -30.13 -8.83
N ARG C 220 10.27 -29.76 -8.92
CA ARG C 220 9.93 -28.55 -9.68
C ARG C 220 10.65 -27.34 -9.12
N THR C 221 10.66 -27.22 -7.79
CA THR C 221 11.33 -26.08 -7.14
C THR C 221 12.80 -26.04 -7.51
N VAL C 222 13.51 -27.16 -7.35
CA VAL C 222 14.96 -27.19 -7.61
C VAL C 222 15.27 -26.76 -9.02
N ASN C 223 14.37 -27.07 -9.97
CA ASN C 223 14.59 -26.83 -11.40
C ASN C 223 13.79 -25.65 -11.94
N THR C 224 13.27 -24.77 -11.06
CA THR C 224 12.38 -23.72 -11.54
C THR C 224 13.09 -22.76 -12.48
N ALA C 225 14.34 -22.39 -12.16
CA ALA C 225 15.12 -21.54 -13.06
C ALA C 225 15.25 -22.16 -14.44
N LEU C 226 15.50 -23.46 -14.51
CA LEU C 226 15.69 -24.08 -15.82
C LEU C 226 14.36 -24.30 -16.53
N GLU C 227 13.28 -24.56 -15.78
CA GLU C 227 11.97 -24.67 -16.39
C GLU C 227 11.61 -23.41 -17.16
N ILE C 228 11.95 -22.24 -16.61
CA ILE C 228 11.58 -20.96 -17.20
C ILE C 228 12.43 -20.68 -18.42
N VAL C 229 13.73 -20.94 -18.29
CA VAL C 229 14.66 -20.75 -19.40
C VAL C 229 14.26 -21.60 -20.60
N ASN C 230 13.76 -22.80 -20.36
CA ASN C 230 13.32 -23.63 -21.47
C ASN C 230 12.08 -23.05 -22.12
N LEU C 231 11.32 -22.28 -21.37
CA LEU C 231 10.15 -21.65 -21.95
C LEU C 231 10.53 -20.42 -22.77
N LEU C 232 11.83 -20.13 -22.91
CA LEU C 232 12.34 -18.98 -23.66
C LEU C 232 12.03 -17.67 -22.95
N ALA C 233 12.44 -17.62 -21.70
CA ALA C 233 12.38 -16.44 -20.85
C ALA C 233 13.50 -16.62 -19.83
N SER C 234 13.47 -15.84 -18.76
CA SER C 234 14.48 -15.99 -17.72
C SER C 234 13.90 -15.45 -16.43
N PRO C 235 14.32 -15.97 -15.27
CA PRO C 235 13.73 -15.49 -14.01
C PRO C 235 14.31 -14.12 -13.64
N TYR C 236 13.44 -13.12 -13.45
CA TYR C 236 13.95 -11.87 -12.93
C TYR C 236 12.94 -11.17 -12.02
N VAL C 237 11.65 -11.32 -12.29
CA VAL C 237 10.61 -10.68 -11.48
C VAL C 237 10.64 -11.22 -10.05
N ALA C 238 10.50 -12.53 -9.89
CA ALA C 238 10.54 -13.10 -8.56
C ALA C 238 11.87 -12.86 -7.84
N PRO C 239 13.05 -13.03 -8.49
CA PRO C 239 14.29 -12.65 -7.79
C PRO C 239 14.32 -11.22 -7.30
N ALA C 240 13.86 -10.27 -8.13
CA ALA C 240 13.91 -8.86 -7.74
C ALA C 240 12.99 -8.59 -6.55
N ALA C 241 11.77 -9.13 -6.58
CA ALA C 241 10.88 -8.99 -5.44
C ALA C 241 11.48 -9.62 -4.20
N ALA C 242 12.20 -10.73 -4.36
CA ALA C 242 12.85 -11.34 -3.20
C ALA C 242 13.94 -10.43 -2.67
N ILE C 243 14.75 -9.86 -3.57
CA ILE C 243 15.79 -8.94 -3.14
C ILE C 243 15.18 -7.73 -2.46
N ILE C 244 14.07 -7.20 -3.00
CA ILE C 244 13.50 -6.01 -2.40
C ILE C 244 12.90 -6.32 -1.03
N GLU C 245 12.42 -7.55 -0.82
CA GLU C 245 11.92 -7.89 0.50
C GLU C 245 13.02 -7.80 1.54
N MET C 246 14.19 -8.36 1.24
CA MET C 246 15.33 -8.25 2.17
C MET C 246 15.73 -6.80 2.38
N ALA C 247 15.81 -6.00 1.30
CA ALA C 247 16.27 -4.62 1.44
C ALA C 247 15.26 -3.80 2.22
N GLU C 248 13.98 -4.03 1.99
CA GLU C 248 12.95 -3.30 2.72
C GLU C 248 12.98 -3.64 4.21
N SER C 249 13.24 -4.90 4.55
CA SER C 249 13.34 -5.26 5.96
C SER C 249 14.50 -4.54 6.63
N TYR C 250 15.57 -4.27 5.88
CA TYR C 250 16.67 -3.48 6.43
C TYR C 250 16.27 -2.02 6.62
N LEU C 251 15.77 -1.40 5.56
CA LEU C 251 15.58 0.05 5.55
C LEU C 251 14.48 0.48 6.52
N LYS C 252 13.47 -0.35 6.74
CA LYS C 252 12.39 0.02 7.66
C LYS C 252 12.46 -0.72 8.99
N ASP C 253 13.58 -1.40 9.28
CA ASP C 253 13.76 -2.06 10.57
C ASP C 253 12.59 -3.00 10.90
N ILE C 254 12.24 -3.85 9.94
CA ILE C 254 11.08 -4.71 10.15
C ILE C 254 11.42 -5.99 10.94
N LYS C 255 12.68 -6.43 10.93
CA LYS C 255 13.11 -7.66 11.62
C LYS C 255 12.30 -8.86 11.14
N LYS C 256 12.13 -8.96 9.83
CA LYS C 256 11.52 -10.14 9.25
C LYS C 256 12.48 -11.31 9.36
N VAL C 257 11.92 -12.51 9.55
CA VAL C 257 12.70 -13.75 9.53
C VAL C 257 12.75 -14.24 8.09
N LEU C 258 13.92 -14.12 7.47
CA LEU C 258 14.16 -14.46 6.07
C LEU C 258 15.36 -15.38 5.98
N VAL C 259 15.31 -16.34 5.06
CA VAL C 259 16.43 -17.27 4.83
C VAL C 259 17.39 -16.70 3.80
N CYS C 260 18.63 -16.40 4.19
CA CYS C 260 19.60 -15.86 3.26
C CYS C 260 20.98 -16.43 3.53
N SER C 261 21.90 -16.17 2.62
CA SER C 261 23.26 -16.71 2.73
C SER C 261 24.08 -15.76 3.60
N THR C 262 24.57 -16.27 4.73
CA THR C 262 25.31 -15.49 5.71
C THR C 262 26.53 -16.29 6.19
N LEU C 263 27.44 -15.61 6.91
CA LEU C 263 28.70 -16.24 7.34
C LEU C 263 28.47 -17.23 8.47
N LEU C 264 28.87 -18.48 8.26
CA LEU C 264 28.71 -19.51 9.28
C LEU C 264 29.95 -19.59 10.15
N GLU C 265 29.76 -19.48 11.46
CA GLU C 265 30.87 -19.56 12.40
C GLU C 265 30.65 -20.71 13.38
N GLY C 266 30.35 -21.91 12.87
CA GLY C 266 30.12 -23.06 13.70
C GLY C 266 28.78 -23.73 13.46
N GLN C 267 27.75 -22.95 13.12
CA GLN C 267 26.40 -23.51 12.98
C GLN C 267 26.36 -24.64 11.96
N TYR C 268 25.57 -25.66 12.29
CA TYR C 268 25.40 -26.87 11.48
C TYR C 268 26.71 -27.66 11.32
N GLY C 269 27.74 -27.28 12.08
CA GLY C 269 29.06 -27.89 12.01
C GLY C 269 30.00 -27.37 10.96
N HIS C 270 29.81 -26.14 10.48
CA HIS C 270 30.60 -25.56 9.41
C HIS C 270 31.05 -24.19 9.87
N SER C 271 32.23 -23.75 9.40
CA SER C 271 32.78 -22.61 10.12
C SER C 271 33.47 -21.52 9.30
N ASN C 272 33.80 -21.69 8.03
CA ASN C 272 34.21 -20.42 7.40
C ASN C 272 33.80 -20.46 5.93
N ILE C 273 32.49 -20.56 5.75
CA ILE C 273 31.85 -20.63 4.45
C ILE C 273 30.52 -19.91 4.62
N PHE C 274 29.93 -19.49 3.50
CA PHE C 274 28.60 -18.91 3.58
C PHE C 274 27.57 -19.97 3.25
N GLY C 275 26.42 -19.90 3.93
CA GLY C 275 25.33 -20.83 3.67
C GLY C 275 24.01 -20.20 4.04
N GLY C 276 22.95 -20.74 3.44
CA GLY C 276 21.61 -20.22 3.66
C GLY C 276 21.03 -20.73 4.97
N THR C 277 20.55 -19.81 5.80
CA THR C 277 19.97 -20.15 7.08
C THR C 277 18.99 -19.04 7.43
N PRO C 278 17.93 -19.33 8.19
CA PRO C 278 16.99 -18.25 8.56
C PRO C 278 17.73 -17.14 9.32
N LEU C 279 17.41 -15.89 8.98
CA LEU C 279 17.98 -14.73 9.62
C LEU C 279 16.92 -13.71 9.95
N VAL C 280 17.27 -12.78 10.83
CA VAL C 280 16.46 -11.61 11.13
C VAL C 280 17.17 -10.40 10.55
N ILE C 281 16.56 -9.76 9.56
CA ILE C 281 17.10 -8.58 8.90
C ILE C 281 16.45 -7.35 9.55
N GLY C 282 17.24 -6.55 10.25
CA GLY C 282 16.69 -5.36 10.88
C GLY C 282 17.51 -4.13 10.54
N GLY C 283 17.29 -3.04 11.28
CA GLY C 283 17.92 -1.76 10.96
C GLY C 283 19.44 -1.76 11.07
N THR C 284 20.00 -2.61 11.94
CA THR C 284 21.45 -2.73 12.09
C THR C 284 22.03 -3.81 11.21
N GLY C 285 21.21 -4.47 10.39
CA GLY C 285 21.65 -5.54 9.51
C GLY C 285 21.13 -6.90 9.92
N VAL C 286 21.96 -7.93 9.73
CA VAL C 286 21.65 -9.24 10.28
C VAL C 286 21.67 -9.12 11.79
N GLU C 287 20.51 -9.30 12.42
CA GLU C 287 20.40 -9.15 13.87
C GLU C 287 20.42 -10.47 14.62
N GLN C 288 20.01 -11.57 14.00
CA GLN C 288 20.16 -12.90 14.57
C GLN C 288 20.44 -13.89 13.46
N VAL C 289 21.27 -14.90 13.74
CA VAL C 289 21.41 -16.06 12.86
C VAL C 289 20.83 -17.25 13.58
N ILE C 290 19.78 -17.80 13.02
CA ILE C 290 18.99 -18.82 13.68
C ILE C 290 19.41 -20.18 13.14
N GLU C 291 19.97 -21.00 14.03
CA GLU C 291 20.45 -22.33 13.67
C GLU C 291 19.29 -23.31 13.86
N LEU C 292 18.80 -23.87 12.75
CA LEU C 292 17.77 -24.89 12.84
C LEU C 292 18.30 -26.16 13.50
N GLN C 293 17.47 -26.78 14.33
CA GLN C 293 17.88 -28.02 14.98
C GLN C 293 17.54 -29.19 14.06
N LEU C 294 18.40 -29.35 13.07
CA LEU C 294 18.24 -30.42 12.13
C LEU C 294 18.62 -31.72 12.76
N ASN C 295 17.91 -32.76 12.37
CA ASN C 295 18.22 -34.13 12.68
C ASN C 295 19.24 -34.65 11.67
N ALA C 296 19.51 -35.95 11.76
CA ALA C 296 20.66 -36.51 11.05
C ALA C 296 20.52 -36.50 9.52
N GLU C 297 19.29 -36.71 8.95
CA GLU C 297 19.23 -36.86 7.49
C GLU C 297 19.57 -35.49 6.89
N GLU C 298 18.95 -34.47 7.48
CA GLU C 298 19.01 -33.08 7.06
C GLU C 298 20.40 -32.53 7.22
N LYS C 299 21.09 -32.85 8.32
CA LYS C 299 22.45 -32.36 8.46
C LYS C 299 23.33 -32.96 7.38
N THR C 300 23.02 -34.19 6.95
CA THR C 300 23.75 -34.80 5.83
C THR C 300 23.52 -34.01 4.56
N LYS C 301 22.26 -33.66 4.26
CA LYS C 301 21.99 -32.94 3.03
C LYS C 301 22.53 -31.51 3.12
N PHE C 302 22.51 -30.93 4.32
CA PHE C 302 23.16 -29.63 4.54
C PHE C 302 24.66 -29.72 4.30
N ASP C 303 25.31 -30.76 4.85
CA ASP C 303 26.75 -30.91 4.67
C ASP C 303 27.12 -31.04 3.19
N GLU C 304 26.27 -31.70 2.41
CA GLU C 304 26.54 -31.79 0.97
C GLU C 304 26.42 -30.44 0.31
N ALA C 305 25.47 -29.62 0.78
CA ALA C 305 25.29 -28.27 0.23
C ALA C 305 26.52 -27.41 0.51
N VAL C 306 27.03 -27.43 1.74
CA VAL C 306 28.24 -26.70 2.08
C VAL C 306 29.45 -27.24 1.34
N ALA C 307 29.53 -28.57 1.20
CA ALA C 307 30.65 -29.19 0.51
C ALA C 307 30.74 -28.72 -0.94
N GLU C 308 29.60 -28.55 -1.59
CA GLU C 308 29.60 -28.08 -2.97
C GLU C 308 29.98 -26.61 -3.03
N THR C 309 29.64 -25.83 -2.01
CA THR C 309 30.13 -24.46 -1.94
C THR C 309 31.65 -24.43 -1.83
N LYS C 310 32.23 -25.34 -1.06
CA LYS C 310 33.68 -25.32 -0.94
C LYS C 310 34.38 -25.94 -2.15
N ARG C 311 33.73 -26.88 -2.84
CA ARG C 311 34.24 -27.38 -4.11
C ARG C 311 34.50 -26.23 -5.05
N MET C 312 33.47 -25.41 -5.27
CA MET C 312 33.58 -24.30 -6.21
C MET C 312 34.51 -23.20 -5.70
N LYS C 313 34.56 -22.98 -4.37
CA LYS C 313 35.40 -21.93 -3.82
C LYS C 313 36.88 -22.24 -3.97
N ALA C 314 37.25 -23.52 -4.01
CA ALA C 314 38.65 -23.90 -4.20
C ALA C 314 39.12 -23.74 -5.64
N LEU C 315 38.22 -23.42 -6.56
CA LEU C 315 38.54 -23.27 -7.98
C LEU C 315 38.67 -21.81 -8.43
N ILE C 316 38.62 -20.85 -7.52
CA ILE C 316 38.69 -19.46 -7.97
C ILE C 316 40.13 -18.99 -8.02
N PRO D 3 -15.43 -14.29 -9.72
CA PRO D 3 -15.13 -13.92 -8.33
C PRO D 3 -14.13 -12.76 -8.23
N LYS D 4 -12.90 -12.96 -8.73
CA LYS D 4 -11.67 -12.22 -8.96
C LYS D 4 -11.54 -11.83 -10.42
N PRO D 5 -11.14 -10.59 -10.71
CA PRO D 5 -11.09 -10.13 -12.11
C PRO D 5 -10.02 -10.84 -12.93
N LYS D 6 -10.34 -11.03 -14.20
CA LYS D 6 -9.46 -11.69 -15.17
C LYS D 6 -8.96 -10.63 -16.17
N ILE D 7 -7.65 -10.41 -16.18
CA ILE D 7 -6.99 -9.40 -17.01
C ILE D 7 -6.16 -10.14 -18.04
N VAL D 8 -6.49 -9.94 -19.32
CA VAL D 8 -5.79 -10.59 -20.41
C VAL D 8 -4.93 -9.55 -21.11
N LEU D 9 -3.61 -9.79 -21.11
CA LEU D 9 -2.64 -8.95 -21.81
C LEU D 9 -2.40 -9.52 -23.20
N VAL D 10 -3.03 -8.92 -24.22
CA VAL D 10 -2.80 -9.30 -25.60
C VAL D 10 -1.51 -8.67 -26.06
N GLY D 11 -0.42 -9.41 -25.89
CA GLY D 11 0.92 -8.91 -26.07
C GLY D 11 1.69 -9.05 -24.77
N SER D 12 2.78 -9.81 -24.78
CA SER D 12 3.53 -10.08 -23.56
C SER D 12 4.98 -9.62 -23.68
N GLY D 13 5.19 -8.52 -24.38
CA GLY D 13 6.51 -7.93 -24.50
C GLY D 13 6.98 -7.25 -23.22
N MET D 14 7.91 -6.31 -23.38
CA MET D 14 8.51 -5.66 -22.22
C MET D 14 7.50 -4.87 -21.41
N ILE D 15 6.51 -4.25 -22.07
CA ILE D 15 5.48 -3.50 -21.34
C ILE D 15 4.57 -4.45 -20.57
N GLY D 16 4.07 -5.49 -21.25
CA GLY D 16 3.25 -6.49 -20.58
C GLY D 16 3.97 -7.13 -19.41
N GLY D 17 5.29 -7.34 -19.55
CA GLY D 17 6.05 -7.84 -18.42
C GLY D 17 5.87 -6.98 -17.19
N VAL D 18 6.08 -5.66 -17.32
CA VAL D 18 5.90 -4.83 -16.15
C VAL D 18 4.43 -4.78 -15.72
N MET D 19 3.49 -4.87 -16.66
CA MET D 19 2.07 -4.91 -16.28
C MET D 19 1.76 -6.11 -15.40
N ALA D 20 2.20 -7.30 -15.79
CA ALA D 20 1.94 -8.49 -14.97
C ALA D 20 2.58 -8.35 -13.59
N THR D 21 3.82 -7.85 -13.54
CA THR D 21 4.49 -7.54 -12.28
C THR D 21 3.67 -6.60 -11.41
N LEU D 22 3.18 -5.50 -11.99
CA LEU D 22 2.46 -4.49 -11.21
C LEU D 22 1.08 -4.97 -10.81
N ILE D 23 0.46 -5.83 -11.63
CA ILE D 23 -0.83 -6.38 -11.25
C ILE D 23 -0.70 -7.26 -10.00
N VAL D 24 0.31 -8.14 -9.97
CA VAL D 24 0.53 -8.93 -8.76
C VAL D 24 0.87 -8.02 -7.59
N GLN D 25 1.72 -7.02 -7.80
CA GLN D 25 2.04 -6.12 -6.69
C GLN D 25 0.77 -5.49 -6.11
N LYS D 26 -0.20 -5.16 -6.96
CA LYS D 26 -1.40 -4.51 -6.48
C LYS D 26 -2.58 -5.46 -6.26
N ASN D 27 -2.39 -6.76 -6.47
CA ASN D 27 -3.44 -7.78 -6.26
C ASN D 27 -4.73 -7.45 -7.00
N LEU D 28 -4.60 -7.01 -8.27
CA LEU D 28 -5.75 -6.51 -9.02
C LEU D 28 -6.56 -7.63 -9.67
N GLY D 29 -5.92 -8.73 -10.05
CA GLY D 29 -6.67 -9.82 -10.66
C GLY D 29 -5.73 -10.83 -11.28
N ASP D 30 -6.33 -11.92 -11.75
CA ASP D 30 -5.57 -12.93 -12.45
C ASP D 30 -5.13 -12.42 -13.82
N VAL D 31 -3.96 -12.88 -14.27
CA VAL D 31 -3.32 -12.34 -15.47
C VAL D 31 -3.12 -13.46 -16.48
N VAL D 32 -3.53 -13.22 -17.72
CA VAL D 32 -3.17 -14.04 -18.86
C VAL D 32 -2.19 -13.25 -19.72
N MET D 33 -1.01 -13.77 -19.89
CA MET D 33 -0.02 -13.14 -20.75
C MET D 33 -0.10 -13.83 -22.11
N PHE D 34 -0.81 -13.20 -23.05
CA PHE D 34 -0.92 -13.74 -24.39
C PHE D 34 0.16 -13.18 -25.29
N ASP D 35 0.61 -14.00 -26.24
CA ASP D 35 1.44 -13.53 -27.33
C ASP D 35 1.48 -14.59 -28.43
N VAL D 36 1.85 -14.16 -29.64
CA VAL D 36 2.01 -15.14 -30.71
C VAL D 36 3.41 -15.76 -30.73
N VAL D 37 4.39 -15.11 -30.10
CA VAL D 37 5.66 -15.76 -29.85
C VAL D 37 5.43 -16.86 -28.82
N LYS D 38 6.07 -17.99 -29.02
CA LYS D 38 5.62 -19.20 -28.35
C LYS D 38 6.52 -19.55 -27.17
N ASN D 39 5.89 -20.11 -26.13
CA ASN D 39 6.52 -20.49 -24.87
C ASN D 39 6.97 -19.32 -24.02
N MET D 40 7.48 -18.26 -24.66
CA MET D 40 7.96 -17.08 -23.94
C MET D 40 6.95 -16.58 -22.91
N PRO D 41 5.66 -16.42 -23.21
CA PRO D 41 4.74 -15.92 -22.18
C PRO D 41 4.60 -16.86 -21.00
N GLN D 42 4.61 -18.19 -21.24
CA GLN D 42 4.50 -19.13 -20.13
C GLN D 42 5.70 -19.03 -19.20
N GLY D 43 6.88 -18.79 -19.75
CA GLY D 43 8.05 -18.53 -18.92
C GLY D 43 7.91 -17.29 -18.07
N LYS D 44 7.51 -16.17 -18.70
CA LYS D 44 7.36 -14.93 -17.95
C LYS D 44 6.30 -15.09 -16.88
N ALA D 45 5.22 -15.78 -17.19
CA ALA D 45 4.13 -15.93 -16.22
C ALA D 45 4.60 -16.76 -15.04
N LEU D 46 5.36 -17.81 -15.28
CA LEU D 46 5.86 -18.63 -14.18
C LEU D 46 6.71 -17.81 -13.24
N ASP D 47 7.71 -17.10 -13.79
CA ASP D 47 8.51 -16.16 -13.00
C ASP D 47 7.61 -15.23 -12.19
N THR D 48 6.62 -14.63 -12.84
CA THR D 48 5.79 -13.62 -12.19
C THR D 48 4.92 -14.23 -11.11
N SER D 49 4.41 -15.46 -11.34
CA SER D 49 3.55 -16.10 -10.35
C SER D 49 4.21 -16.15 -8.97
N HIS D 50 5.50 -16.48 -8.93
CA HIS D 50 6.18 -16.69 -7.65
C HIS D 50 6.15 -15.43 -6.79
N SER D 51 6.15 -14.25 -7.42
CA SER D 51 6.21 -13.00 -6.67
C SER D 51 4.93 -12.73 -5.87
N ASN D 52 3.87 -13.52 -6.08
CA ASN D 52 2.73 -13.49 -5.17
C ASN D 52 3.16 -13.61 -3.72
N VAL D 53 4.21 -14.42 -3.47
CA VAL D 53 4.69 -14.62 -2.11
C VAL D 53 5.16 -13.29 -1.52
N MET D 54 5.99 -12.56 -2.26
CA MET D 54 6.59 -11.36 -1.70
C MET D 54 5.57 -10.25 -1.62
N ALA D 55 4.58 -10.28 -2.50
CA ALA D 55 3.61 -9.20 -2.67
C ALA D 55 2.35 -9.38 -1.83
N TYR D 56 2.23 -10.51 -1.12
CA TYR D 56 1.15 -10.82 -0.20
C TYR D 56 -0.17 -10.90 -0.96
N SER D 57 -0.11 -11.31 -2.23
CA SER D 57 -1.30 -11.33 -3.07
C SER D 57 -1.59 -12.73 -3.59
N ASN D 58 -2.71 -12.84 -4.30
CA ASN D 58 -3.16 -14.11 -4.83
C ASN D 58 -3.76 -13.90 -6.21
N CYS D 59 -2.88 -13.70 -7.18
CA CYS D 59 -3.24 -13.64 -8.58
C CYS D 59 -2.63 -14.82 -9.31
N LYS D 60 -3.45 -15.53 -10.06
CA LYS D 60 -2.93 -16.56 -10.96
C LYS D 60 -2.32 -15.84 -12.17
N VAL D 61 -1.17 -16.30 -12.62
CA VAL D 61 -0.47 -15.67 -13.76
C VAL D 61 -0.07 -16.77 -14.71
N THR D 62 -0.76 -16.87 -15.84
CA THR D 62 -0.44 -17.89 -16.82
C THR D 62 -0.15 -17.30 -18.19
N GLY D 63 0.59 -18.08 -18.98
CA GLY D 63 0.92 -17.69 -20.32
C GLY D 63 0.05 -18.43 -21.29
N SER D 64 -0.06 -17.87 -22.50
CA SER D 64 -0.91 -18.45 -23.53
C SER D 64 -0.47 -17.99 -24.91
N ASN D 65 -0.72 -18.85 -25.89
CA ASN D 65 -0.56 -18.53 -27.30
C ASN D 65 -1.87 -18.76 -28.05
N SER D 66 -3.00 -18.66 -27.34
CA SER D 66 -4.31 -18.95 -27.91
C SER D 66 -5.29 -17.84 -27.57
N TYR D 67 -5.89 -17.25 -28.59
CA TYR D 67 -6.97 -16.28 -28.36
C TYR D 67 -8.17 -16.90 -27.65
N ASP D 68 -8.24 -18.21 -27.51
CA ASP D 68 -9.35 -18.78 -26.77
C ASP D 68 -9.29 -18.42 -25.29
N ASP D 69 -8.13 -17.95 -24.81
CA ASP D 69 -7.99 -17.53 -23.43
C ASP D 69 -8.52 -16.12 -23.16
N LEU D 70 -9.05 -15.45 -24.19
CA LEU D 70 -9.77 -14.22 -23.91
C LEU D 70 -11.07 -14.49 -23.18
N LYS D 71 -11.51 -15.75 -23.08
CA LYS D 71 -12.82 -16.07 -22.53
C LYS D 71 -12.97 -15.49 -21.13
N GLY D 72 -14.06 -14.75 -20.92
CA GLY D 72 -14.36 -14.18 -19.63
C GLY D 72 -13.44 -13.08 -19.19
N ALA D 73 -12.63 -12.52 -20.09
CA ALA D 73 -11.78 -11.41 -19.70
C ALA D 73 -12.64 -10.24 -19.19
N ASP D 74 -12.22 -9.66 -18.09
CA ASP D 74 -12.84 -8.45 -17.60
C ASP D 74 -12.10 -7.23 -18.09
N VAL D 75 -10.78 -7.34 -18.27
CA VAL D 75 -9.98 -6.28 -18.84
C VAL D 75 -9.07 -6.89 -19.89
N VAL D 76 -9.02 -6.28 -21.07
CA VAL D 76 -8.12 -6.67 -22.14
C VAL D 76 -7.23 -5.49 -22.45
N ILE D 77 -5.93 -5.72 -22.46
CA ILE D 77 -4.95 -4.67 -22.72
C ILE D 77 -4.14 -5.08 -23.93
N VAL D 78 -4.20 -4.28 -24.99
CA VAL D 78 -3.64 -4.67 -26.28
C VAL D 78 -2.34 -3.91 -26.49
N THR D 79 -1.20 -4.63 -26.40
CA THR D 79 0.13 -4.10 -26.78
C THR D 79 0.71 -4.73 -28.03
N ALA D 80 0.10 -5.80 -28.54
CA ALA D 80 0.64 -6.53 -29.68
C ALA D 80 0.62 -5.70 -30.96
N GLY D 81 1.64 -5.89 -31.79
CA GLY D 81 1.62 -5.33 -33.13
C GLY D 81 3.00 -5.13 -33.71
N PHE D 82 3.01 -4.93 -35.03
CA PHE D 82 4.28 -4.73 -35.71
C PHE D 82 4.84 -3.37 -35.34
N THR D 83 6.15 -3.32 -35.15
CA THR D 83 6.88 -2.09 -34.95
C THR D 83 8.09 -1.93 -35.90
N LYS D 84 8.38 -2.92 -36.76
CA LYS D 84 9.45 -2.83 -37.75
C LYS D 84 9.08 -3.72 -38.95
N ALA D 85 10.05 -3.89 -39.87
CA ALA D 85 9.99 -4.78 -41.05
C ALA D 85 8.62 -5.32 -41.48
N ASN D 94 8.05 5.70 -43.85
CA ASN D 94 8.01 4.25 -43.99
C ASN D 94 6.97 3.61 -43.05
N ARG D 95 6.78 4.18 -41.85
CA ARG D 95 5.97 3.47 -40.87
C ARG D 95 4.50 3.44 -41.22
N ASP D 96 4.04 4.26 -42.18
CA ASP D 96 2.70 4.05 -42.73
C ASP D 96 2.53 2.65 -43.28
N ASP D 97 3.63 1.98 -43.68
CA ASP D 97 3.57 0.64 -44.27
C ASP D 97 3.06 -0.39 -43.26
N LEU D 98 3.20 -0.13 -41.95
CA LEU D 98 2.74 -1.05 -40.93
C LEU D 98 1.24 -1.00 -40.68
N LEU D 99 0.54 0.04 -41.16
CA LEU D 99 -0.84 0.27 -40.74
C LEU D 99 -1.84 -0.77 -41.25
N PRO D 100 -1.75 -1.27 -42.50
CA PRO D 100 -2.67 -2.35 -42.90
C PRO D 100 -2.38 -3.66 -42.19
N LEU D 101 -1.13 -3.91 -41.82
CA LEU D 101 -0.78 -5.09 -41.05
C LEU D 101 -1.40 -5.01 -39.66
N ASN D 102 -1.04 -3.98 -38.90
CA ASN D 102 -1.59 -3.79 -37.56
C ASN D 102 -3.11 -3.66 -37.59
N ASN D 103 -3.69 -3.26 -38.74
CA ASN D 103 -5.14 -3.29 -38.89
C ASN D 103 -5.68 -4.72 -38.85
N LYS D 104 -5.02 -5.62 -39.57
CA LYS D 104 -5.56 -6.97 -39.63
C LYS D 104 -5.44 -7.67 -38.29
N ILE D 105 -4.41 -7.35 -37.51
CA ILE D 105 -4.32 -7.87 -36.14
C ILE D 105 -5.49 -7.38 -35.31
N MET D 106 -5.85 -6.09 -35.43
CA MET D 106 -7.01 -5.58 -34.72
C MET D 106 -8.28 -6.30 -35.15
N ILE D 107 -8.37 -6.63 -36.44
CA ILE D 107 -9.51 -7.40 -36.91
C ILE D 107 -9.57 -8.76 -36.22
N GLU D 108 -8.41 -9.41 -36.09
CA GLU D 108 -8.37 -10.71 -35.40
C GLU D 108 -8.76 -10.57 -33.94
N ILE D 109 -8.11 -9.65 -33.23
CA ILE D 109 -8.41 -9.43 -31.81
C ILE D 109 -9.87 -9.03 -31.62
N GLY D 110 -10.33 -8.06 -32.42
CA GLY D 110 -11.73 -7.66 -32.37
C GLY D 110 -12.68 -8.81 -32.62
N GLY D 111 -12.38 -9.64 -33.62
CA GLY D 111 -13.21 -10.82 -33.86
C GLY D 111 -13.39 -11.66 -32.62
N HIS D 112 -12.28 -12.01 -31.96
CA HIS D 112 -12.36 -12.82 -30.76
C HIS D 112 -13.02 -12.06 -29.60
N ILE D 113 -12.67 -10.77 -29.41
CA ILE D 113 -13.33 -10.01 -28.36
C ILE D 113 -14.84 -10.11 -28.50
N LYS D 114 -15.34 -10.01 -29.74
CA LYS D 114 -16.78 -10.00 -29.94
C LYS D 114 -17.41 -11.32 -29.53
N ASN D 115 -16.69 -12.43 -29.65
CA ASN D 115 -17.27 -13.73 -29.35
C ASN D 115 -17.01 -14.20 -27.92
N LEU D 116 -15.88 -13.84 -27.31
CA LEU D 116 -15.44 -14.44 -26.05
C LEU D 116 -15.60 -13.53 -24.85
N CYS D 117 -15.33 -12.23 -25.00
CA CYS D 117 -15.40 -11.29 -23.88
C CYS D 117 -16.03 -9.97 -24.35
N PRO D 118 -17.23 -10.04 -24.94
CA PRO D 118 -17.82 -8.79 -25.48
C PRO D 118 -18.04 -7.72 -24.43
N ASN D 119 -17.89 -8.06 -23.15
CA ASN D 119 -18.19 -7.14 -22.05
C ASN D 119 -16.96 -6.60 -21.35
N ALA D 120 -15.79 -6.77 -21.94
CA ALA D 120 -14.56 -6.36 -21.28
C ALA D 120 -14.35 -4.85 -21.36
N PHE D 121 -13.41 -4.37 -20.56
CA PHE D 121 -12.89 -3.01 -20.67
C PHE D 121 -11.57 -3.13 -21.41
N ILE D 122 -11.48 -2.44 -22.54
CA ILE D 122 -10.37 -2.56 -23.48
C ILE D 122 -9.49 -1.33 -23.38
N ILE D 123 -8.19 -1.53 -23.20
CA ILE D 123 -7.19 -0.48 -23.28
C ILE D 123 -6.25 -0.82 -24.43
N VAL D 124 -6.20 0.03 -25.45
CA VAL D 124 -5.36 -0.21 -26.61
C VAL D 124 -4.08 0.61 -26.47
N VAL D 125 -2.95 0.00 -26.83
CA VAL D 125 -1.65 0.65 -26.76
C VAL D 125 -0.93 0.64 -28.10
N THR D 126 -1.22 -0.31 -28.99
CA THR D 126 -0.50 -0.47 -30.26
C THR D 126 -0.44 0.85 -31.01
N ASN D 127 0.84 1.23 -31.50
CA ASN D 127 0.90 2.54 -32.11
C ASN D 127 0.73 2.49 -33.61
N PRO D 128 0.16 3.54 -34.23
CA PRO D 128 -0.36 4.78 -33.60
C PRO D 128 -1.71 4.59 -32.87
N VAL D 129 -1.71 4.84 -31.56
CA VAL D 129 -2.79 4.35 -30.68
C VAL D 129 -4.14 4.92 -31.08
N ASP D 130 -4.20 6.20 -31.47
CA ASP D 130 -5.49 6.82 -31.76
C ASP D 130 -6.14 6.23 -33.02
N VAL D 131 -5.36 5.63 -33.91
CA VAL D 131 -5.91 4.89 -35.05
C VAL D 131 -6.33 3.49 -34.62
N MET D 132 -5.41 2.77 -33.98
CA MET D 132 -5.63 1.37 -33.63
C MET D 132 -6.83 1.21 -32.70
N VAL D 133 -6.99 2.13 -31.74
CA VAL D 133 -8.09 2.03 -30.79
C VAL D 133 -9.42 2.21 -31.51
N GLN D 134 -9.44 2.99 -32.59
CA GLN D 134 -10.67 3.14 -33.36
C GLN D 134 -10.94 1.89 -34.20
N LEU D 135 -9.88 1.35 -34.82
CA LEU D 135 -10.02 0.11 -35.59
C LEU D 135 -10.53 -1.02 -34.70
N LEU D 136 -9.94 -1.17 -33.51
CA LEU D 136 -10.39 -2.23 -32.61
C LEU D 136 -11.78 -1.94 -32.07
N PHE D 137 -12.10 -0.66 -31.91
CA PHE D 137 -13.46 -0.27 -31.54
C PHE D 137 -14.48 -0.85 -32.53
N GLU D 138 -14.22 -0.67 -33.82
CA GLU D 138 -15.21 -1.01 -34.83
C GLU D 138 -15.28 -2.51 -35.09
N HIS D 139 -14.16 -3.22 -35.03
CA HIS D 139 -14.19 -4.64 -35.32
C HIS D 139 -14.68 -5.49 -34.15
N SER D 140 -14.58 -5.00 -32.91
CA SER D 140 -15.07 -5.74 -31.75
C SER D 140 -16.52 -5.41 -31.40
N GLY D 141 -17.01 -4.23 -31.75
CA GLY D 141 -18.37 -3.87 -31.45
C GLY D 141 -18.65 -3.50 -30.01
N VAL D 142 -17.61 -3.31 -29.19
CA VAL D 142 -17.81 -2.93 -27.79
C VAL D 142 -18.32 -1.49 -27.73
N PRO D 143 -19.04 -1.11 -26.67
CA PRO D 143 -19.52 0.27 -26.57
C PRO D 143 -18.38 1.28 -26.51
N LYS D 144 -18.70 2.52 -26.92
CA LYS D 144 -17.73 3.61 -26.92
C LYS D 144 -17.05 3.77 -25.55
N ASN D 145 -17.82 3.61 -24.47
CA ASN D 145 -17.31 3.87 -23.12
C ASN D 145 -16.62 2.66 -22.48
N LYS D 146 -16.35 1.60 -23.24
CA LYS D 146 -15.62 0.44 -22.74
C LYS D 146 -14.32 0.19 -23.49
N ILE D 147 -13.84 1.14 -24.28
CA ILE D 147 -12.56 1.00 -24.96
C ILE D 147 -11.93 2.38 -25.08
N ILE D 148 -10.65 2.46 -24.72
CA ILE D 148 -9.86 3.70 -24.76
C ILE D 148 -8.44 3.33 -25.12
N GLY D 149 -7.65 4.35 -25.45
CA GLY D 149 -6.26 4.17 -25.84
C GLY D 149 -5.32 4.88 -24.89
N LEU D 150 -4.15 4.29 -24.69
CA LEU D 150 -3.14 4.93 -23.86
C LEU D 150 -2.54 6.13 -24.58
N GLY D 151 -2.38 7.23 -23.86
CA GLY D 151 -1.72 8.40 -24.44
C GLY D 151 -1.40 9.42 -23.37
N GLY D 152 -2.43 10.17 -22.93
CA GLY D 152 -2.20 11.33 -22.07
C GLY D 152 -1.56 10.99 -20.74
N VAL D 153 -2.01 9.90 -20.10
CA VAL D 153 -1.47 9.58 -18.78
C VAL D 153 0.05 9.44 -18.86
N LEU D 154 0.53 8.78 -19.93
CA LEU D 154 1.96 8.57 -20.13
C LEU D 154 2.70 9.86 -20.52
N ASP D 155 2.19 10.58 -21.53
CA ASP D 155 2.86 11.81 -21.96
C ASP D 155 2.97 12.81 -20.82
N THR D 156 1.88 13.01 -20.05
CA THR D 156 1.92 14.01 -18.97
C THR D 156 2.82 13.57 -17.84
N SER D 157 3.04 12.26 -17.67
CA SER D 157 3.95 11.82 -16.63
C SER D 157 5.35 12.38 -16.87
N ARG D 158 5.79 12.42 -18.12
CA ARG D 158 7.08 13.02 -18.42
C ARG D 158 7.06 14.52 -18.12
N LEU D 159 6.05 15.22 -18.64
CA LEU D 159 5.98 16.67 -18.40
C LEU D 159 5.93 16.96 -16.90
N LYS D 160 5.07 16.25 -16.17
CA LYS D 160 4.99 16.40 -14.71
C LYS D 160 6.34 16.14 -14.04
N TYR D 161 6.98 15.03 -14.41
CA TYR D 161 8.21 14.66 -13.73
C TYR D 161 9.28 15.73 -13.90
N TYR D 162 9.48 16.21 -15.14
CA TYR D 162 10.52 17.19 -15.38
C TYR D 162 10.22 18.52 -14.69
N ILE D 163 8.94 18.98 -14.70
CA ILE D 163 8.62 20.23 -14.00
C ILE D 163 8.92 20.08 -12.51
N SER D 164 8.51 18.95 -11.94
CA SER D 164 8.71 18.72 -10.51
C SER D 164 10.18 18.66 -10.16
N GLN D 165 11.02 18.19 -11.08
CA GLN D 165 12.42 18.12 -10.75
C GLN D 165 13.10 19.49 -10.78
N LYS D 166 12.63 20.42 -11.61
CA LYS D 166 13.14 21.79 -11.53
C LYS D 166 12.59 22.53 -10.32
N LEU D 167 11.33 22.33 -9.96
CA LEU D 167 10.79 23.07 -8.82
C LEU D 167 11.03 22.37 -7.48
N ASN D 168 11.60 21.15 -7.50
CA ASN D 168 11.88 20.38 -6.29
CA ASN D 168 11.87 20.32 -6.32
C ASN D 168 10.61 20.10 -5.48
N VAL D 169 9.59 19.56 -6.14
CA VAL D 169 8.37 19.13 -5.46
C VAL D 169 8.06 17.70 -5.85
N CYS D 170 7.06 17.16 -5.18
CA CYS D 170 6.68 15.79 -5.42
C CYS D 170 6.13 15.68 -6.83
N PRO D 171 6.57 14.70 -7.62
CA PRO D 171 6.16 14.66 -9.03
C PRO D 171 4.67 14.70 -9.22
N ARG D 172 3.92 13.99 -8.39
CA ARG D 172 2.47 13.94 -8.54
C ARG D 172 1.84 15.29 -8.28
N ASP D 173 2.53 16.17 -7.56
CA ASP D 173 1.96 17.48 -7.26
C ASP D 173 1.92 18.39 -8.47
N VAL D 174 2.58 18.03 -9.56
CA VAL D 174 2.45 18.77 -10.81
C VAL D 174 1.29 18.19 -11.56
N ASN D 175 0.40 19.07 -12.02
CA ASN D 175 -0.70 18.64 -12.88
C ASN D 175 -0.57 19.31 -14.24
N ALA D 176 -0.86 18.53 -15.29
CA ALA D 176 -0.74 19.04 -16.65
C ALA D 176 -1.60 18.20 -17.57
N LEU D 177 -2.08 18.82 -18.64
CA LEU D 177 -2.92 18.16 -19.62
C LEU D 177 -2.18 18.18 -20.97
N ILE D 178 -2.12 17.02 -21.62
CA ILE D 178 -1.57 16.88 -22.97
C ILE D 178 -2.63 16.12 -23.78
N VAL D 179 -3.14 16.75 -24.83
CA VAL D 179 -4.33 16.24 -25.50
C VAL D 179 -4.11 16.19 -27.01
N GLY D 180 -5.17 15.83 -27.72
CA GLY D 180 -5.14 15.72 -29.17
C GLY D 180 -4.83 14.32 -29.68
N ALA D 181 -3.56 13.93 -29.59
CA ALA D 181 -3.16 12.62 -30.07
C ALA D 181 -1.86 12.23 -29.39
N HIS D 182 -1.66 10.93 -29.24
CA HIS D 182 -0.38 10.41 -28.78
C HIS D 182 0.58 10.39 -29.95
N GLY D 183 1.75 10.96 -29.76
CA GLY D 183 2.68 11.02 -30.85
C GLY D 183 3.15 12.42 -31.07
N ASN D 184 3.76 12.63 -32.23
CA ASN D 184 4.49 13.88 -32.43
C ASN D 184 3.59 15.10 -32.46
N LYS D 185 2.29 14.96 -32.77
CA LYS D 185 1.39 16.12 -32.79
C LYS D 185 0.71 16.38 -31.44
N MET D 186 1.22 15.80 -30.34
CA MET D 186 0.60 16.00 -29.04
C MET D 186 0.56 17.49 -28.67
N VAL D 187 -0.54 17.90 -28.06
CA VAL D 187 -0.79 19.30 -27.74
C VAL D 187 -0.46 19.52 -26.27
N LEU D 188 0.63 20.22 -26.00
CA LEU D 188 1.06 20.48 -24.61
C LEU D 188 0.47 21.82 -24.18
N LEU D 189 -0.47 21.78 -23.23
CA LEU D 189 -1.29 22.94 -22.87
C LEU D 189 -0.67 23.68 -21.68
N LYS D 190 0.32 24.54 -21.99
CA LYS D 190 1.05 25.27 -20.95
C LYS D 190 0.13 26.05 -20.03
N ARG D 191 -0.99 26.55 -20.56
CA ARG D 191 -1.98 27.30 -19.79
C ARG D 191 -2.60 26.47 -18.67
N TYR D 192 -2.59 25.15 -18.79
CA TYR D 192 -3.26 24.27 -17.84
C TYR D 192 -2.31 23.66 -16.82
N ILE D 193 -1.06 24.06 -16.79
CA ILE D 193 -0.10 23.44 -15.89
C ILE D 193 -0.19 24.08 -14.51
N THR D 194 -0.34 23.24 -13.49
CA THR D 194 -0.32 23.70 -12.10
C THR D 194 0.71 22.90 -11.32
N VAL D 195 1.14 23.48 -10.21
CA VAL D 195 2.04 22.84 -9.26
C VAL D 195 1.38 22.94 -7.89
N GLY D 196 1.04 21.79 -7.31
CA GLY D 196 0.28 21.81 -6.08
C GLY D 196 -0.99 22.63 -6.18
N GLY D 197 -1.62 22.69 -7.36
CA GLY D 197 -2.81 23.52 -7.56
C GLY D 197 -2.55 24.98 -7.87
N ILE D 198 -1.28 25.40 -7.87
CA ILE D 198 -0.89 26.79 -8.13
C ILE D 198 -0.55 26.90 -9.62
N PRO D 199 -1.01 27.92 -10.34
CA PRO D 199 -0.67 28.01 -11.77
C PRO D 199 0.84 28.13 -11.95
N LEU D 200 1.36 27.41 -12.95
CA LEU D 200 2.79 27.43 -13.23
C LEU D 200 3.32 28.84 -13.42
N GLN D 201 2.51 29.72 -14.01
CA GLN D 201 2.94 31.07 -14.31
C GLN D 201 3.43 31.78 -13.06
N GLU D 202 2.83 31.47 -11.90
CA GLU D 202 3.26 32.11 -10.66
C GLU D 202 4.70 31.80 -10.35
N PHE D 203 5.16 30.61 -10.75
CA PHE D 203 6.54 30.22 -10.53
C PHE D 203 7.48 30.83 -11.55
N ILE D 204 6.99 31.07 -12.76
CA ILE D 204 7.78 31.82 -13.75
C ILE D 204 7.97 33.25 -13.27
N ASN D 205 6.88 33.90 -12.82
CA ASN D 205 6.97 35.27 -12.30
C ASN D 205 7.92 35.37 -11.11
N ASN D 206 7.93 34.36 -10.25
CA ASN D 206 8.82 34.30 -9.10
C ASN D 206 10.23 33.88 -9.47
N LYS D 207 10.50 33.71 -10.76
CA LYS D 207 11.82 33.37 -11.27
C LYS D 207 12.28 32.01 -10.78
N LYS D 208 11.39 31.16 -10.33
CA LYS D 208 11.84 29.82 -9.94
C LYS D 208 11.90 28.86 -11.13
N ILE D 209 11.39 29.26 -12.29
CA ILE D 209 11.59 28.52 -13.54
C ILE D 209 11.25 29.50 -14.66
N THR D 210 12.00 29.41 -15.77
CA THR D 210 11.84 30.33 -16.89
C THR D 210 11.02 29.65 -18.00
N ASP D 211 10.30 30.49 -18.77
CA ASP D 211 9.44 30.00 -19.87
C ASP D 211 10.20 29.18 -20.88
N GLU D 212 11.42 29.60 -21.07
CA GLU D 212 12.51 29.05 -21.83
C GLU D 212 12.92 27.67 -21.31
N GLU D 213 13.05 27.51 -19.97
CA GLU D 213 13.21 26.14 -19.45
C GLU D 213 11.94 25.30 -19.67
N VAL D 214 10.76 25.94 -19.56
CA VAL D 214 9.52 25.21 -19.79
C VAL D 214 9.46 24.70 -21.22
N GLU D 215 9.91 25.49 -22.18
CA GLU D 215 9.82 25.00 -23.55
C GLU D 215 10.86 23.94 -23.83
N GLY D 216 12.01 23.98 -23.13
CA GLY D 216 12.92 22.85 -23.17
C GLY D 216 12.27 21.58 -22.65
N ILE D 217 11.56 21.68 -21.53
CA ILE D 217 10.86 20.53 -20.99
C ILE D 217 9.79 20.03 -21.97
N PHE D 218 9.12 20.96 -22.68
CA PHE D 218 8.12 20.57 -23.67
C PHE D 218 8.74 19.72 -24.77
N ASP D 219 9.86 20.18 -25.32
CA ASP D 219 10.53 19.41 -26.38
C ASP D 219 10.99 18.07 -25.85
N ARG D 220 11.55 18.06 -24.64
CA ARG D 220 11.99 16.81 -24.04
C ARG D 220 10.84 15.83 -23.91
N THR D 221 9.67 16.30 -23.47
CA THR D 221 8.49 15.45 -23.37
C THR D 221 8.11 14.88 -24.74
N VAL D 222 8.02 15.74 -25.76
CA VAL D 222 7.62 15.29 -27.08
C VAL D 222 8.55 14.18 -27.58
N ASN D 223 9.84 14.28 -27.22
CA ASN D 223 10.88 13.40 -27.72
C ASN D 223 11.33 12.35 -26.72
N THR D 224 10.61 12.16 -25.62
CA THR D 224 11.14 11.29 -24.58
C THR D 224 11.26 9.85 -25.09
N ALA D 225 10.26 9.38 -25.85
CA ALA D 225 10.31 8.05 -26.42
C ALA D 225 11.57 7.83 -27.24
N LEU D 226 11.94 8.81 -28.06
CA LEU D 226 13.10 8.63 -28.92
C LEU D 226 14.40 8.77 -28.14
N GLU D 227 14.42 9.62 -27.12
CA GLU D 227 15.59 9.75 -26.24
C GLU D 227 15.92 8.41 -25.60
N ILE D 228 14.89 7.68 -25.17
CA ILE D 228 15.08 6.41 -24.49
C ILE D 228 15.40 5.31 -25.49
N VAL D 229 14.70 5.33 -26.64
CA VAL D 229 14.95 4.34 -27.68
C VAL D 229 16.42 4.34 -28.10
N ASN D 230 17.02 5.52 -28.17
CA ASN D 230 18.43 5.58 -28.57
C ASN D 230 19.37 5.07 -27.49
N LEU D 231 18.99 5.21 -26.23
CA LEU D 231 19.81 4.68 -25.14
C LEU D 231 19.49 3.22 -24.82
N LEU D 232 18.45 2.64 -25.40
CA LEU D 232 17.94 1.37 -24.89
C LEU D 232 16.99 0.71 -25.88
N ALA D 233 15.70 0.95 -25.67
CA ALA D 233 14.63 0.49 -26.53
C ALA D 233 13.42 1.39 -26.29
N SER D 234 12.27 0.98 -26.81
CA SER D 234 11.05 1.69 -26.46
C SER D 234 10.84 1.62 -24.94
N PRO D 235 10.26 2.65 -24.35
CA PRO D 235 10.07 2.66 -22.90
C PRO D 235 9.03 1.62 -22.51
N TYR D 236 9.19 1.05 -21.31
CA TYR D 236 8.21 0.06 -20.88
C TYR D 236 7.71 0.23 -19.45
N VAL D 237 8.55 0.73 -18.54
CA VAL D 237 8.11 0.88 -17.15
C VAL D 237 6.98 1.92 -17.05
N ALA D 238 7.26 3.15 -17.47
CA ALA D 238 6.24 4.19 -17.34
C ALA D 238 4.99 3.87 -18.15
N PRO D 239 5.07 3.38 -19.39
CA PRO D 239 3.84 2.98 -20.09
C PRO D 239 3.03 1.96 -19.32
N ALA D 240 3.69 0.96 -18.74
CA ALA D 240 2.95 -0.06 -18.00
C ALA D 240 2.33 0.52 -16.75
N ALA D 241 3.06 1.36 -16.01
CA ALA D 241 2.46 1.99 -14.84
C ALA D 241 1.28 2.87 -15.24
N ALA D 242 1.38 3.53 -16.41
CA ALA D 242 0.29 4.37 -16.87
C ALA D 242 -0.94 3.55 -17.20
N ILE D 243 -0.76 2.43 -17.91
CA ILE D 243 -1.89 1.57 -18.24
C ILE D 243 -2.53 1.00 -16.98
N ILE D 244 -1.70 0.60 -16.01
CA ILE D 244 -2.22 0.01 -14.78
C ILE D 244 -2.92 1.08 -13.94
N GLU D 245 -2.52 2.34 -14.03
CA GLU D 245 -3.29 3.38 -13.36
C GLU D 245 -4.70 3.47 -13.94
N MET D 246 -4.80 3.44 -15.28
CA MET D 246 -6.11 3.47 -15.93
C MET D 246 -6.93 2.24 -15.56
N ALA D 247 -6.31 1.06 -15.59
CA ALA D 247 -7.03 -0.20 -15.34
C ALA D 247 -7.51 -0.30 -13.90
N GLU D 248 -6.67 0.11 -12.94
CA GLU D 248 -7.08 0.12 -11.54
C GLU D 248 -8.26 1.06 -11.33
N SER D 249 -8.24 2.21 -12.02
CA SER D 249 -9.36 3.16 -11.91
C SER D 249 -10.66 2.53 -12.41
N TYR D 250 -10.58 1.66 -13.41
CA TYR D 250 -11.75 0.93 -13.87
C TYR D 250 -12.16 -0.13 -12.85
N LEU D 251 -11.20 -0.98 -12.47
CA LEU D 251 -11.48 -2.14 -11.63
C LEU D 251 -11.88 -1.75 -10.21
N LYS D 252 -11.39 -0.63 -9.67
CA LYS D 252 -11.74 -0.24 -8.32
C LYS D 252 -12.72 0.94 -8.25
N ASP D 253 -13.30 1.36 -9.37
CA ASP D 253 -14.28 2.45 -9.41
C ASP D 253 -13.76 3.70 -8.69
N ILE D 254 -12.56 4.13 -9.10
CA ILE D 254 -12.00 5.32 -8.46
C ILE D 254 -12.51 6.62 -9.09
N LYS D 255 -13.00 6.57 -10.34
CA LYS D 255 -13.47 7.76 -11.07
C LYS D 255 -12.37 8.82 -11.19
N LYS D 256 -11.14 8.37 -11.47
CA LYS D 256 -10.05 9.29 -11.70
C LYS D 256 -10.22 10.03 -13.02
N VAL D 257 -9.78 11.28 -13.04
CA VAL D 257 -9.75 12.09 -14.26
C VAL D 257 -8.40 11.82 -14.91
N LEU D 258 -8.41 11.09 -16.03
CA LEU D 258 -7.19 10.71 -16.72
C LEU D 258 -7.33 11.11 -18.18
N VAL D 259 -6.22 11.54 -18.80
CA VAL D 259 -6.25 11.93 -20.21
C VAL D 259 -6.01 10.66 -21.04
N CYS D 260 -7.01 10.25 -21.83
CA CYS D 260 -6.90 9.06 -22.66
C CYS D 260 -7.59 9.30 -23.99
N SER D 261 -7.36 8.38 -24.91
CA SER D 261 -7.88 8.48 -26.27
C SER D 261 -9.29 7.87 -26.30
N THR D 262 -10.28 8.69 -26.63
CA THR D 262 -11.66 8.20 -26.65
C THR D 262 -12.33 8.69 -27.92
N LEU D 263 -13.49 8.11 -28.21
CA LEU D 263 -14.24 8.47 -29.40
C LEU D 263 -14.79 9.88 -29.26
N LEU D 264 -14.53 10.72 -30.27
CA LEU D 264 -15.06 12.07 -30.28
C LEU D 264 -16.36 12.10 -31.08
N GLU D 265 -17.40 12.67 -30.48
CA GLU D 265 -18.69 12.80 -31.14
C GLU D 265 -19.06 14.28 -31.22
N GLY D 266 -18.14 15.12 -31.65
CA GLY D 266 -18.38 16.55 -31.77
C GLY D 266 -17.38 17.42 -31.02
N GLN D 267 -16.91 16.95 -29.87
CA GLN D 267 -16.04 17.76 -29.03
C GLN D 267 -14.83 18.26 -29.81
N TYR D 268 -14.45 19.51 -29.55
CA TYR D 268 -13.37 20.21 -30.24
C TYR D 268 -13.67 20.40 -31.72
N GLY D 269 -14.91 20.13 -32.13
CA GLY D 269 -15.31 20.24 -33.51
C GLY D 269 -14.99 19.03 -34.34
N HIS D 270 -14.86 17.85 -33.73
CA HIS D 270 -14.40 16.67 -34.43
C HIS D 270 -15.34 15.50 -34.19
N SER D 271 -15.46 14.66 -35.21
CA SER D 271 -16.43 13.58 -35.13
C SER D 271 -15.82 12.34 -35.79
N ASN D 272 -16.39 11.19 -35.44
CA ASN D 272 -15.96 9.88 -35.89
C ASN D 272 -14.44 9.78 -35.97
N ILE D 273 -13.80 10.14 -34.86
CA ILE D 273 -12.36 9.99 -34.70
C ILE D 273 -12.09 9.85 -33.21
N PHE D 274 -10.96 9.23 -32.89
CA PHE D 274 -10.50 9.15 -31.52
C PHE D 274 -9.43 10.20 -31.30
N GLY D 275 -9.44 10.79 -30.11
CA GLY D 275 -8.46 11.79 -29.75
C GLY D 275 -8.30 11.82 -28.25
N GLY D 276 -7.14 12.32 -27.83
CA GLY D 276 -6.83 12.33 -26.41
C GLY D 276 -7.49 13.51 -25.75
N THR D 277 -8.22 13.25 -24.65
CA THR D 277 -8.94 14.26 -23.90
C THR D 277 -9.13 13.76 -22.46
N PRO D 278 -9.23 14.66 -21.48
CA PRO D 278 -9.51 14.19 -20.12
C PRO D 278 -10.86 13.48 -20.04
N LEU D 279 -10.87 12.33 -19.39
CA LEU D 279 -12.08 11.58 -19.16
C LEU D 279 -12.05 11.03 -17.73
N VAL D 280 -13.21 10.57 -17.27
CA VAL D 280 -13.36 9.96 -15.95
C VAL D 280 -13.55 8.47 -16.12
N ILE D 281 -12.64 7.68 -15.58
CA ILE D 281 -12.69 6.22 -15.65
C ILE D 281 -13.26 5.69 -14.35
N GLY D 282 -14.43 5.07 -14.43
CA GLY D 282 -15.06 4.51 -13.25
C GLY D 282 -15.47 3.09 -13.51
N GLY D 283 -16.32 2.54 -12.62
CA GLY D 283 -16.66 1.13 -12.67
C GLY D 283 -17.37 0.68 -13.94
N THR D 284 -18.09 1.59 -14.60
CA THR D 284 -18.78 1.25 -15.84
C THR D 284 -17.94 1.57 -17.06
N GLY D 285 -16.70 2.02 -16.87
CA GLY D 285 -15.87 2.41 -17.98
C GLY D 285 -15.71 3.93 -18.00
N VAL D 286 -15.68 4.50 -19.20
CA VAL D 286 -15.70 5.96 -19.35
C VAL D 286 -17.02 6.51 -18.86
N GLU D 287 -16.98 7.32 -17.81
CA GLU D 287 -18.19 7.90 -17.27
C GLU D 287 -18.40 9.35 -17.70
N GLN D 288 -17.33 10.08 -18.02
CA GLN D 288 -17.44 11.42 -18.58
C GLN D 288 -16.34 11.64 -19.62
N VAL D 289 -16.67 12.41 -20.63
CA VAL D 289 -15.68 12.95 -21.54
C VAL D 289 -15.66 14.47 -21.36
N ILE D 290 -14.52 15.01 -20.95
CA ILE D 290 -14.43 16.41 -20.56
C ILE D 290 -13.85 17.19 -21.73
N GLU D 291 -14.63 18.09 -22.29
CA GLU D 291 -14.16 18.92 -23.40
C GLU D 291 -13.50 20.16 -22.80
N LEU D 292 -12.18 20.26 -22.94
CA LEU D 292 -11.50 21.47 -22.50
C LEU D 292 -11.96 22.66 -23.33
N GLN D 293 -12.10 23.81 -22.67
CA GLN D 293 -12.51 25.02 -23.37
C GLN D 293 -11.23 25.68 -23.91
N LEU D 294 -10.74 25.13 -25.03
CA LEU D 294 -9.49 25.59 -25.60
C LEU D 294 -9.65 26.93 -26.28
N ASN D 295 -8.58 27.73 -26.27
CA ASN D 295 -8.55 28.98 -27.02
C ASN D 295 -8.25 28.69 -28.49
N ALA D 296 -8.20 29.74 -29.33
CA ALA D 296 -8.16 29.53 -30.77
C ALA D 296 -6.84 28.89 -31.20
N GLU D 297 -5.73 29.28 -30.59
CA GLU D 297 -4.46 28.72 -31.00
C GLU D 297 -4.31 27.29 -30.49
N GLU D 298 -4.82 27.01 -29.28
CA GLU D 298 -4.85 25.63 -28.80
C GLU D 298 -5.75 24.77 -29.68
N LYS D 299 -6.88 25.33 -30.13
CA LYS D 299 -7.76 24.57 -31.00
C LYS D 299 -7.09 24.31 -32.34
N THR D 300 -6.23 25.24 -32.79
CA THR D 300 -5.48 25.01 -34.01
C THR D 300 -4.54 23.82 -33.86
N LYS D 301 -3.85 23.71 -32.71
CA LYS D 301 -2.94 22.58 -32.49
C LYS D 301 -3.69 21.28 -32.31
N PHE D 302 -4.86 21.33 -31.66
CA PHE D 302 -5.70 20.15 -31.54
C PHE D 302 -6.18 19.65 -32.89
N ASP D 303 -6.64 20.56 -33.76
CA ASP D 303 -7.09 20.16 -35.09
C ASP D 303 -6.00 19.46 -35.87
N GLU D 304 -4.73 19.86 -35.69
CA GLU D 304 -3.63 19.22 -36.40
C GLU D 304 -3.41 17.80 -35.92
N ALA D 305 -3.59 17.56 -34.62
CA ALA D 305 -3.43 16.21 -34.09
C ALA D 305 -4.47 15.29 -34.69
N VAL D 306 -5.74 15.72 -34.73
CA VAL D 306 -6.77 14.88 -35.31
C VAL D 306 -6.52 14.67 -36.81
N ALA D 307 -6.06 15.72 -37.50
CA ALA D 307 -5.82 15.59 -38.94
C ALA D 307 -4.76 14.53 -39.23
N GLU D 308 -3.72 14.46 -38.39
CA GLU D 308 -2.69 13.44 -38.61
C GLU D 308 -3.22 12.05 -38.28
N THR D 309 -4.10 11.93 -37.28
CA THR D 309 -4.77 10.65 -37.03
C THR D 309 -5.64 10.27 -38.22
N LYS D 310 -6.32 11.24 -38.83
CA LYS D 310 -7.20 10.92 -39.94
C LYS D 310 -6.39 10.59 -41.18
N ARG D 311 -5.21 11.19 -41.34
CA ARG D 311 -4.31 10.82 -42.44
C ARG D 311 -3.99 9.34 -42.38
N MET D 312 -3.48 8.89 -41.23
CA MET D 312 -3.04 7.50 -41.10
C MET D 312 -4.21 6.53 -41.16
N LYS D 313 -5.39 6.92 -40.66
CA LYS D 313 -6.55 6.04 -40.69
C LYS D 313 -7.03 5.79 -42.12
N ALA D 314 -6.79 6.75 -43.03
CA ALA D 314 -7.16 6.61 -44.43
C ALA D 314 -6.26 5.64 -45.19
N LEU D 315 -5.17 5.17 -44.59
CA LEU D 315 -4.22 4.29 -45.24
C LEU D 315 -4.41 2.82 -44.86
N ILE D 316 -5.47 2.48 -44.14
CA ILE D 316 -5.67 1.08 -43.74
C ILE D 316 -6.49 0.41 -44.83
CAS O0Q G . -20.64 7.16 27.52
CAT O0Q G . -20.74 7.55 26.26
CAX O0Q G . -21.26 6.37 24.12
CAZ O0Q G . -20.13 7.06 23.36
CBB O0Q G . -18.68 6.50 21.45
CBD O0Q G . -18.41 8.03 21.39
CBE O0Q G . -17.96 8.78 22.63
CBF O0Q G . -19.05 9.82 22.36
CBG O0Q G . -19.57 9.00 21.17
CBH O0Q G . -18.12 10.62 21.46
CBI O0Q G . -17.03 9.58 21.70
CBJ O0Q G . -18.62 9.79 20.26
CBK O0Q G . -17.50 8.75 20.48
NAU O0Q G . -21.04 6.44 25.58
NAV O0Q G . -20.90 5.86 27.50
NAW O0Q G . -21.12 5.51 26.35
NBA O0Q G . -19.50 6.10 22.42
OBC O0Q G . -18.15 5.74 20.65
CAS O0Q H . -30.06 12.53 25.70
CAT O0Q H . -29.84 11.37 25.11
CAX O0Q H . -29.95 10.55 22.79
CAZ O0Q H . -28.43 10.27 22.70
CBB O0Q H . -27.58 8.05 23.64
CBD O0Q H . -26.39 8.61 24.52
CBE O0Q H . -25.20 7.64 24.64
CBF O0Q H . -25.26 7.82 26.16
CBG O0Q H . -26.49 8.72 26.04
CBH O0Q H . -24.33 9.04 26.05
CBI O0Q H . -24.28 8.86 24.54
CBJ O0Q H . -25.55 9.94 25.90
CBK O0Q H . -25.51 9.80 24.35
NAU O0Q H . -30.11 11.57 23.82
NAV O0Q H . -30.43 13.36 24.71
NAW O0Q H . -30.44 12.75 23.63
NBA O0Q H . -28.37 8.83 22.87
OBC O0Q H . -27.78 6.84 23.62
CAS O0Q I . -22.70 14.88 24.95
CAT O0Q I . -23.27 14.54 23.80
CAX O0Q I . -24.04 15.82 21.81
CAZ O0Q I . -23.58 14.70 20.88
CBB O0Q I . -24.90 13.18 19.47
CBD O0Q I . -24.06 12.07 20.14
CBE O0Q I . -24.07 11.90 21.66
CBF O0Q I . -22.54 11.85 21.63
CBG O0Q I . -22.55 12.12 20.12
CBH O0Q I . -22.56 10.33 21.39
CBI O0Q I . -24.09 10.38 21.39
CBJ O0Q I . -22.59 10.61 19.88
CBK O0Q I . -24.12 10.61 19.87
NAU O0Q I . -23.44 15.68 23.15
NAV O0Q I . -22.58 16.20 24.90
NAW O0Q I . -23.02 16.60 23.84
NBA O0Q I . -24.61 14.43 19.87
OBC O0Q I . -25.77 12.92 18.64
CAS O0Q J . -13.92 12.40 29.04
CAT O0Q J . -14.04 13.72 29.13
CAX O0Q J . -13.99 15.56 27.44
CAZ O0Q J . -15.12 15.78 26.44
CBB O0Q J . -17.54 16.13 26.62
CBD O0Q J . -17.61 15.42 25.25
CBE O0Q J . -18.92 15.31 24.49
CBF O0Q J . -18.65 13.81 24.31
CBG O0Q J . -17.38 13.92 25.16
CBH O0Q J . -17.86 14.08 23.03
CBI O0Q J . -18.11 15.57 23.22
CBJ O0Q J . -16.59 14.20 23.88
CBK O0Q J . -16.81 15.72 24.03
NAU O0Q J . -13.93 14.15 27.87
NAV O0Q J . -13.75 12.15 27.76
NAW O0Q J . -13.77 13.19 27.13
NBA O0Q J . -16.31 16.28 27.13
OBC O0Q J . -18.57 16.54 27.17
CAS O0Q K . 21.47 -9.51 -26.17
CAT O0Q K . 21.20 -8.37 -25.58
CAX O0Q K . 21.89 -7.32 -23.43
CAZ O0Q K . 20.50 -6.67 -23.29
CBB O0Q K . 18.90 -6.22 -21.48
CBD O0Q K . 18.12 -5.45 -22.57
CBE O0Q K . 17.74 -6.13 -23.87
CBF O0Q K . 18.29 -4.92 -24.62
CBG O0Q K . 18.75 -4.29 -23.31
CBH O0Q K . 16.93 -4.20 -24.53
CBI O0Q K . 16.38 -5.41 -23.76
CBJ O0Q K . 17.39 -3.59 -23.20
CBK O0Q K . 16.80 -4.77 -22.41
NAU O0Q K . 21.88 -8.39 -24.44
NAV O0Q K . 22.30 -10.14 -25.34
NAW O0Q K . 22.49 -9.44 -24.37
NBA O0Q K . 20.05 -6.78 -21.89
OBC O0Q K . 18.49 -6.30 -20.32
CAS O0Q L . 27.77 -1.94 -31.10
CAT O0Q L . 28.03 -2.71 -30.05
CAX O0Q L . 28.60 -2.26 -27.67
CAZ O0Q L . 27.92 -3.57 -27.29
CBB O0Q L . 27.09 -4.50 -25.16
CBD O0Q L . 25.98 -5.12 -26.03
CBE O0Q L . 25.10 -6.22 -25.48
CBF O0Q L . 25.36 -7.03 -26.75
CBG O0Q L . 26.32 -5.95 -27.25
CBH O0Q L . 24.18 -6.36 -27.46
CBI O0Q L . 23.92 -5.53 -26.20
CBJ O0Q L . 25.14 -5.26 -27.94
CBK O0Q L . 24.85 -4.41 -26.69
NAU O0Q L . 28.26 -1.87 -29.06
NAV O0Q L . 27.86 -0.70 -30.64
NAW O0Q L . 28.15 -0.72 -29.46
NBA O0Q L . 28.00 -3.76 -25.83
OBC O0Q L . 27.13 -4.67 -23.94
CAS O0Q M . 13.24 -9.95 -30.11
CAT O0Q M . 13.01 -9.30 -31.24
CAX O0Q M . 12.02 -7.09 -31.80
CAZ O0Q M . 13.22 -6.50 -32.57
CBB O0Q M . 14.01 -4.79 -30.99
CBD O0Q M . 15.14 -4.38 -30.03
CBE O0Q M . 16.58 -4.80 -30.31
CBF O0Q M . 16.68 -5.29 -28.85
CBG O0Q M . 15.21 -4.95 -28.63
CBH O0Q M . 17.11 -3.89 -28.38
CBI O0Q M . 17.00 -3.40 -29.83
CBJ O0Q M . 15.63 -3.55 -28.17
CBK O0Q M . 15.52 -3.01 -29.60
NAU O0Q M . 12.46 -8.16 -30.88
NAV O0Q M . 12.80 -9.13 -29.16
NAW O0Q M . 12.37 -8.12 -29.67
NBA O0Q M . 14.20 -5.96 -31.62
OBC O0Q M . 13.03 -4.06 -31.16
CAS O0Q N . 20.22 -2.50 -30.86
CAT O0Q N . 20.80 -1.75 -29.93
CAX O0Q N . 20.97 0.66 -29.44
CAZ O0Q N . 20.34 0.61 -28.03
CBB O0Q N . 22.11 0.61 -26.23
CBD O0Q N . 21.74 -0.79 -25.67
CBE O0Q N . 22.33 -1.09 -24.31
CBF O0Q N . 22.86 -2.41 -24.86
CBG O0Q N . 22.32 -2.07 -26.25
CBH O0Q N . 21.53 -3.09 -24.51
CBI O0Q N . 21.00 -1.77 -23.95
CBJ O0Q N . 20.96 -2.72 -25.87
CBK O0Q N . 20.40 -1.39 -25.31
NAU O0Q N . 20.53 -0.48 -30.24
NAV O0Q N . 19.63 -1.63 -31.68
NAW O0Q N . 19.85 -0.45 -31.26
NBA O0Q N . 21.41 1.18 -27.23
OBC O0Q N . 23.05 1.23 -25.72
#